data_3Q50
# 
_entry.id   3Q50 
# 
_audit_conform.dict_name       mmcif_pdbx.dic 
_audit_conform.dict_version    5.379 
_audit_conform.dict_location   http://mmcif.pdb.org/dictionaries/ascii/mmcif_pdbx.dic 
# 
loop_
_database_2.database_id 
_database_2.database_code 
_database_2.pdbx_database_accession 
_database_2.pdbx_DOI 
PDB   3Q50         pdb_00003q50 10.2210/pdb3q50/pdb 
NDB   NA0896       ?            ?                   
RCSB  RCSB063201   ?            ?                   
WWPDB D_1000063201 ?            ?                   
# 
loop_
_pdbx_database_related.db_name 
_pdbx_database_related.db_id 
_pdbx_database_related.details 
_pdbx_database_related.content_type 
PDB 3GCA 'Crystal structure of PreQ1 riboswitch with PreQ0 metabolite bound' unspecified 
PDB 3Q51 .                                                                   unspecified 
# 
_pdbx_database_status.entry_id                        3Q50 
_pdbx_database_status.status_code                     REL 
_pdbx_database_status.deposit_site                    RCSB 
_pdbx_database_status.process_site                    RCSB 
_pdbx_database_status.recvd_initial_deposition_date   2010-12-26 
_pdbx_database_status.status_code_sf                  REL 
_pdbx_database_status.status_code_mr                  ? 
_pdbx_database_status.SG_entry                        ? 
_pdbx_database_status.status_code_cs                  ? 
_pdbx_database_status.pdb_format_compatible           Y 
_pdbx_database_status.methods_development_category    ? 
_pdbx_database_status.status_code_nmr_data            ? 
# 
loop_
_audit_author.name 
_audit_author.pdbx_ordinal 
'Jenkins, J.L.'  1 
'Krucinska, J.'  2 
'Wedekind, J.E.' 3 
# 
loop_
_citation.id 
_citation.title 
_citation.journal_abbrev 
_citation.journal_volume 
_citation.page_first 
_citation.page_last 
_citation.year 
_citation.journal_id_ASTM 
_citation.country 
_citation.journal_id_ISSN 
_citation.journal_id_CSD 
_citation.book_publisher 
_citation.pdbx_database_id_PubMed 
_citation.pdbx_database_id_DOI 
primary 'Comparison of a preQ1 riboswitch aptamer in metabolite-bound and free states with implications for gene regulation.' 
J.Biol.Chem. 286 24626 24637 2011 JBCHA3 US 0021-9258 0071 ? 21592962 10.1074/jbc.M111.230375 
1       'The structural basis for recognition of the PreQ0 metabolite by an unusually small riboswitch aptamer domain.'       
J.Biol.Chem. 284 11012 11016 2010 JBCHA3 US 0021-9258 0071 ? 19261617 ?                       
# 
loop_
_citation_author.citation_id 
_citation_author.name 
_citation_author.ordinal 
_citation_author.identifier_ORCID 
primary 'Jenkins, J.L.'  1  ? 
primary 'Krucinska, J.'  2  ? 
primary 'McCarty, R.M.'  3  ? 
primary 'Bandarian, V.'  4  ? 
primary 'Wedekind, J.E.' 5  ? 
1       'Spitale, R.C.'  6  ? 
1       'Torelli, A.T.'  7  ? 
1       'Krucinska, J.'  8  ? 
1       'Bandarian, V.'  9  ? 
1       'Wedekind, J.E.' 10 ? 
# 
_cell.entry_id           3Q50 
_cell.length_a           110.782 
_cell.length_b           110.782 
_cell.length_c           59.605 
_cell.angle_alpha        90.00 
_cell.angle_beta         90.00 
_cell.angle_gamma        120.00 
_cell.Z_PDB              12 
_cell.pdbx_unique_axis   ? 
_cell.length_a_esd       ? 
_cell.length_b_esd       ? 
_cell.length_c_esd       ? 
_cell.angle_alpha_esd    ? 
_cell.angle_beta_esd     ? 
_cell.angle_gamma_esd    ? 
# 
_symmetry.entry_id                         3Q50 
_symmetry.space_group_name_H-M             'P 63 2 2' 
_symmetry.pdbx_full_space_group_name_H-M   ? 
_symmetry.cell_setting                     ? 
_symmetry.Int_Tables_number                182 
_symmetry.space_group_name_Hall            ? 
# 
loop_
_entity.id 
_entity.type 
_entity.src_method 
_entity.pdbx_description 
_entity.formula_weight 
_entity.pdbx_number_of_molecules 
_entity.pdbx_ec 
_entity.pdbx_mutation 
_entity.pdbx_fragment 
_entity.details 
1 polymer     syn 'PREQ1 RIBOSWITCH'            10599.417 1 ? ? ? ? 
2 non-polymer syn 7-DEAZA-7-AMINOMETHYL-GUANINE 179.179   1 ? ? ? ? 
3 non-polymer syn 'SULFATE ION'                 96.063    4 ? ? ? ? 
4 water       nat water                         18.015    1 ? ? ? ? 
# 
_entity_poly.entity_id                      1 
_entity_poly.type                           polyribonucleotide 
_entity_poly.nstd_linkage                   no 
_entity_poly.nstd_monomer                   no 
_entity_poly.pdbx_seq_one_letter_code       CUGGGUCGCAGUAACCCCAGUUAACAAAACAAG 
_entity_poly.pdbx_seq_one_letter_code_can   CUGGGUCGCAGUAACCCCAGUUAACAAAACAAG 
_entity_poly.pdbx_strand_id                 A 
_entity_poly.pdbx_target_identifier         ? 
# 
loop_
_entity_poly_seq.entity_id 
_entity_poly_seq.num 
_entity_poly_seq.mon_id 
_entity_poly_seq.hetero 
1 1  C n 
1 2  U n 
1 3  G n 
1 4  G n 
1 5  G n 
1 6  U n 
1 7  C n 
1 8  G n 
1 9  C n 
1 10 A n 
1 11 G n 
1 12 U n 
1 13 A n 
1 14 A n 
1 15 C n 
1 16 C n 
1 17 C n 
1 18 C n 
1 19 A n 
1 20 G n 
1 21 U n 
1 22 U n 
1 23 A n 
1 24 A n 
1 25 C n 
1 26 A n 
1 27 A n 
1 28 A n 
1 29 A n 
1 30 C n 
1 31 A n 
1 32 A n 
1 33 G n 
# 
_pdbx_entity_src_syn.entity_id              1 
_pdbx_entity_src_syn.pdbx_src_id            1 
_pdbx_entity_src_syn.pdbx_alt_source_flag   sample 
_pdbx_entity_src_syn.pdbx_beg_seq_num       ? 
_pdbx_entity_src_syn.pdbx_end_seq_num       ? 
_pdbx_entity_src_syn.organism_scientific    ? 
_pdbx_entity_src_syn.organism_common_name   ? 
_pdbx_entity_src_syn.ncbi_taxonomy_id       ? 
_pdbx_entity_src_syn.details                
'The RNA strand was chemically synthesized based on the sequence of class I, Type 1 PreQ1 riboswitch aptamer from T. Tengcongensis' 
# 
_struct_ref.id                         1 
_struct_ref.db_name                    PDB 
_struct_ref.db_code                    3Q50 
_struct_ref.pdbx_db_accession          3Q50 
_struct_ref.entity_id                  1 
_struct_ref.pdbx_align_begin           ? 
_struct_ref.pdbx_seq_one_letter_code   CUGGGUCGCAGUAACCCCAGUUAACAAAACAAG 
_struct_ref.pdbx_db_isoform            ? 
# 
_struct_ref_seq.align_id                      1 
_struct_ref_seq.ref_id                        1 
_struct_ref_seq.pdbx_PDB_id_code              3Q50 
_struct_ref_seq.pdbx_strand_id                A 
_struct_ref_seq.seq_align_beg                 1 
_struct_ref_seq.pdbx_seq_align_beg_ins_code   ? 
_struct_ref_seq.seq_align_end                 33 
_struct_ref_seq.pdbx_seq_align_end_ins_code   ? 
_struct_ref_seq.pdbx_db_accession             3Q50 
_struct_ref_seq.db_align_beg                  1 
_struct_ref_seq.pdbx_db_align_beg_ins_code    ? 
_struct_ref_seq.db_align_end                  33 
_struct_ref_seq.pdbx_db_align_end_ins_code    ? 
_struct_ref_seq.pdbx_auth_seq_align_beg       1 
_struct_ref_seq.pdbx_auth_seq_align_end       33 
# 
loop_
_chem_comp.id 
_chem_comp.type 
_chem_comp.mon_nstd_flag 
_chem_comp.name 
_chem_comp.pdbx_synonyms 
_chem_comp.formula 
_chem_comp.formula_weight 
A   'RNA linking' y "ADENOSINE-5'-MONOPHOSPHATE"  ? 'C10 H14 N5 O7 P' 347.221 
C   'RNA linking' y "CYTIDINE-5'-MONOPHOSPHATE"   ? 'C9 H14 N3 O8 P'  323.197 
G   'RNA linking' y "GUANOSINE-5'-MONOPHOSPHATE"  ? 'C10 H14 N5 O8 P' 363.221 
HOH non-polymer   . WATER                         ? 'H2 O'            18.015  
PRF non-polymer   . 7-DEAZA-7-AMINOMETHYL-GUANINE ? 'C7 H9 N5 O'      179.179 
SO4 non-polymer   . 'SULFATE ION'                 ? 'O4 S -2'         96.063  
U   'RNA linking' y "URIDINE-5'-MONOPHOSPHATE"    ? 'C9 H13 N2 O9 P'  324.181 
# 
_exptl.entry_id          3Q50 
_exptl.method            'X-RAY DIFFRACTION' 
_exptl.crystals_number   1 
# 
_exptl_crystal.id                    1 
_exptl_crystal.density_meas          ? 
_exptl_crystal.density_Matthews      4.98 
_exptl_crystal.density_percent_sol   75.30 
_exptl_crystal.description           ? 
_exptl_crystal.F_000                 ? 
_exptl_crystal.preparation           ? 
# 
_exptl_crystal_grow.crystal_id      1 
_exptl_crystal_grow.method          'VAPOR DIFFUSION, HANGING DROP' 
_exptl_crystal_grow.temp            293 
_exptl_crystal_grow.temp_details    ? 
_exptl_crystal_grow.pH              5.6 
_exptl_crystal_grow.pdbx_pH_range   ? 
_exptl_crystal_grow.pdbx_details    
'1.8 M Li2SO4, 0.05 M MES pH 5.6, and 0.01 M MgCl2(H20)6, vapor diffusion, hanging drop, temperature 293K' 
# 
_diffrn.id                     1 
_diffrn.ambient_temp           100 
_diffrn.ambient_temp_details   ? 
_diffrn.crystal_id             1 
# 
_diffrn_detector.diffrn_id              1 
_diffrn_detector.detector               CCD 
_diffrn_detector.type                   'ADSC QUANTUM 210' 
_diffrn_detector.pdbx_collection_date   2009-11-09 
_diffrn_detector.details                'Rh coated Si vertical focus mirror' 
# 
_diffrn_radiation.diffrn_id                        1 
_diffrn_radiation.wavelength_id                    1 
_diffrn_radiation.pdbx_monochromatic_or_laue_m_l   M 
_diffrn_radiation.monochromator                    'Horizontal focusing 5.05 asymmetric cut Si(111)' 
_diffrn_radiation.pdbx_diffrn_protocol             'SINGLE WAVELENGTH' 
_diffrn_radiation.pdbx_scattering_type             x-ray 
# 
_diffrn_radiation_wavelength.id           1 
_diffrn_radiation_wavelength.wavelength   0.9769 
_diffrn_radiation_wavelength.wt           1.0 
# 
_diffrn_source.diffrn_id                   1 
_diffrn_source.source                      SYNCHROTRON 
_diffrn_source.type                        'CHESS BEAMLINE A1' 
_diffrn_source.pdbx_synchrotron_site       CHESS 
_diffrn_source.pdbx_synchrotron_beamline   A1 
_diffrn_source.pdbx_wavelength             ? 
_diffrn_source.pdbx_wavelength_list        0.9769 
# 
_reflns.entry_id                     3Q50 
_reflns.observed_criterion_sigma_I   -3 
_reflns.observed_criterion_sigma_F   0 
_reflns.d_resolution_low             25.000 
_reflns.d_resolution_high            2.7250 
_reflns.number_obs                   6041 
_reflns.number_all                   ? 
_reflns.percent_possible_obs         98.700 
_reflns.pdbx_Rmerge_I_obs            0.077 
_reflns.pdbx_Rsym_value              ? 
_reflns.pdbx_netI_over_sigmaI        16.400 
_reflns.B_iso_Wilson_estimate        ? 
_reflns.pdbx_redundancy              6.500 
_reflns.R_free_details               ? 
_reflns.pdbx_chi_squared             ? 
_reflns.pdbx_scaling_rejects         ? 
_reflns.pdbx_ordinal                 1 
_reflns.pdbx_diffrn_id               1 
# 
loop_
_reflns_shell.d_res_high 
_reflns_shell.d_res_low 
_reflns_shell.percent_possible_all 
_reflns_shell.Rmerge_I_obs 
_reflns_shell.pdbx_Rsym_value 
_reflns_shell.meanI_over_sigI_obs 
_reflns_shell.pdbx_redundancy 
_reflns_shell.percent_possible_obs 
_reflns_shell.number_unique_all 
_reflns_shell.number_measured_all 
_reflns_shell.number_measured_obs 
_reflns_shell.number_unique_obs 
_reflns_shell.pdbx_chi_squared 
_reflns_shell.pdbx_ordinal 
_reflns_shell.pdbx_diffrn_id 
2.750 2.800  94.800  0.586 ? ? 5.100 ? ? ? ? ? ? 1  1 
2.800 2.850  99.300  0.602 ? ? 5.500 ? ? ? ? ? ? 2  1 
2.850 2.900  99.000  0.452 ? ? 6.100 ? ? ? ? ? ? 3  1 
2.900 2.960  100.000 0.359 ? ? 6.100 ? ? ? ? ? ? 4  1 
2.960 3.030  100.000 0.232 ? ? 6.400 ? ? ? ? ? ? 5  1 
3.030 3.100  100.000 0.187 ? ? 6.700 ? ? ? ? ? ? 6  1 
3.100 3.170  100.000 0.135 ? ? 6.700 ? ? ? ? ? ? 7  1 
3.170 3.260  100.000 0.114 ? ? 7.000 ? ? ? ? ? ? 8  1 
3.260 3.360  99.300  0.102 ? ? 6.800 ? ? ? ? ? ? 9  1 
3.360 3.460  100.000 0.091 ? ? 6.900 ? ? ? ? ? ? 10 1 
3.460 3.590  99.300  0.097 ? ? 6.800 ? ? ? ? ? ? 11 1 
3.590 3.730  99.400  0.086 ? ? 6.800 ? ? ? ? ? ? 12 1 
3.730 3.900  99.700  0.093 ? ? 6.900 ? ? ? ? ? ? 13 1 
3.900 4.100  99.000  0.082 ? ? 6.800 ? ? ? ? ? ? 14 1 
4.100 4.360  98.700  0.083 ? ? 6.800 ? ? ? ? ? ? 15 1 
4.360 4.690  98.700  0.071 ? ? 6.700 ? ? ? ? ? ? 16 1 
4.690 5.160  99.300  0.073 ? ? 6.600 ? ? ? ? ? ? 17 1 
5.160 5.900  98.800  0.060 ? ? 6.500 ? ? ? ? ? ? 18 1 
5.900 7.400  98.800  0.055 ? ? 6.300 ? ? ? ? ? ? 19 1 
7.400 25.000 91.400  0.041 ? ? 5.800 ? ? ? ? ? ? 20 1 
# 
_refine.pdbx_refine_id                           'X-RAY DIFFRACTION' 
_refine.entry_id                                 3Q50 
_refine.ls_number_reflns_obs                     5712 
_refine.ls_number_reflns_all                     ? 
_refine.pdbx_ls_sigma_I                          ? 
_refine.pdbx_ls_sigma_F                          0.13 
_refine.pdbx_data_cutoff_high_absF               ? 
_refine.pdbx_data_cutoff_low_absF                ? 
_refine.pdbx_data_cutoff_high_rms_absF           ? 
_refine.ls_d_res_low                             22.010 
_refine.ls_d_res_high                            2.750 
_refine.ls_percent_reflns_obs                    95.86 
_refine.ls_R_factor_obs                          0.2144 
_refine.ls_R_factor_all                          ? 
_refine.ls_R_factor_R_work                       0.2104 
_refine.ls_R_factor_R_free                       0.2522 
_refine.ls_R_factor_R_free_error                 ? 
_refine.ls_R_factor_R_free_error_details         ? 
_refine.ls_percent_reflns_R_free                 10.03 
_refine.ls_number_reflns_R_free                  573 
_refine.ls_number_parameters                     ? 
_refine.ls_number_restraints                     ? 
_refine.occupancy_min                            0.500 
_refine.occupancy_max                            1.000 
_refine.correlation_coeff_Fo_to_Fc               ? 
_refine.correlation_coeff_Fo_to_Fc_free          ? 
_refine.B_iso_mean                               ? 
_refine.aniso_B[1][1]                            12.6181 
_refine.aniso_B[2][2]                            12.6181 
_refine.aniso_B[3][3]                            -25.2362 
_refine.aniso_B[1][2]                            -0.0000 
_refine.aniso_B[1][3]                            -0.0000 
_refine.aniso_B[2][3]                            0.0000 
_refine.solvent_model_details                    'FLAT BULK SOLVENT MODEL' 
_refine.solvent_model_param_ksol                 0.247 
_refine.solvent_model_param_bsol                 32.544 
_refine.pdbx_solvent_vdw_probe_radii             1.11 
_refine.pdbx_solvent_ion_probe_radii             ? 
_refine.pdbx_solvent_shrinkage_radii             0.90 
_refine.pdbx_ls_cross_valid_method               ? 
_refine.details                                  ? 
_refine.pdbx_starting_model                      3GCA 
_refine.pdbx_method_to_determine_struct          'FOURIER SYNTHESIS' 
_refine.pdbx_isotropic_thermal_model             ? 
_refine.pdbx_stereochemistry_target_values       ML 
_refine.pdbx_stereochem_target_val_spec_case     ? 
_refine.pdbx_R_Free_selection_details            ? 
_refine.pdbx_overall_ESU_R_Free                  ? 
_refine.overall_SU_ML                            0.35 
_refine.pdbx_overall_phase_error                 23.06 
_refine.overall_SU_B                             ? 
_refine.overall_SU_R_Cruickshank_DPI             ? 
_refine.pdbx_overall_SU_R_free_Cruickshank_DPI   ? 
_refine.pdbx_overall_SU_R_Blow_DPI               ? 
_refine.pdbx_overall_SU_R_free_Blow_DPI          ? 
_refine.ls_redundancy_reflns_obs                 ? 
_refine.pdbx_overall_ESU_R                       ? 
_refine.overall_SU_R_free                        ? 
_refine.ls_wR_factor_R_free                      ? 
_refine.ls_wR_factor_R_work                      ? 
_refine.overall_FOM_free_R_set                   ? 
_refine.overall_FOM_work_R_set                   ? 
_refine.pdbx_diffrn_id                           1 
_refine.pdbx_TLS_residual_ADP_flag               ? 
# 
_refine_analyze.pdbx_refine_id                  'X-RAY DIFFRACTION' 
_refine_analyze.entry_id                        3Q50 
_refine_analyze.Luzzati_coordinate_error_obs    ? 
_refine_analyze.Luzzati_sigma_a_obs             0.36 
_refine_analyze.Luzzati_d_res_low_obs           ? 
_refine_analyze.Luzzati_coordinate_error_free   ? 
_refine_analyze.Luzzati_sigma_a_free            ? 
_refine_analyze.Luzzati_d_res_low_free          ? 
_refine_analyze.number_disordered_residues      ? 
_refine_analyze.occupancy_sum_hydrogen          ? 
_refine_analyze.occupancy_sum_non_hydrogen      ? 
# 
_refine_hist.pdbx_refine_id                   'X-RAY DIFFRACTION' 
_refine_hist.cycle_id                         LAST 
_refine_hist.pdbx_number_atoms_protein        0 
_refine_hist.pdbx_number_atoms_nucleic_acid   702 
_refine_hist.pdbx_number_atoms_ligand         33 
_refine_hist.number_atoms_solvent             1 
_refine_hist.number_atoms_total               736 
_refine_hist.d_res_high                       2.750 
_refine_hist.d_res_low                        22.010 
# 
loop_
_refine_ls_restr.type 
_refine_ls_restr.dev_ideal 
_refine_ls_restr.dev_ideal_target 
_refine_ls_restr.weight 
_refine_ls_restr.number 
_refine_ls_restr.pdbx_refine_id 
_refine_ls_restr.pdbx_restraint_function 
f_bond_d           0.007  ? ? 816  'X-RAY DIFFRACTION' ? 
f_angle_d          1.689  ? ? 1267 'X-RAY DIFFRACTION' ? 
f_dihedral_angle_d 17.512 ? ? 394  'X-RAY DIFFRACTION' ? 
f_chiral_restr     0.061  ? ? 164  'X-RAY DIFFRACTION' ? 
f_plane_restr      0.007  ? ? 34   'X-RAY DIFFRACTION' ? 
# 
loop_
_refine_ls_shell.pdbx_refine_id 
_refine_ls_shell.pdbx_total_number_of_bins_used 
_refine_ls_shell.d_res_high 
_refine_ls_shell.d_res_low 
_refine_ls_shell.number_reflns_R_work 
_refine_ls_shell.R_factor_R_work 
_refine_ls_shell.percent_reflns_obs 
_refine_ls_shell.R_factor_R_free 
_refine_ls_shell.R_factor_R_free_error 
_refine_ls_shell.percent_reflns_R_free 
_refine_ls_shell.number_reflns_R_free 
_refine_ls_shell.number_reflns_all 
_refine_ls_shell.R_factor_all 
_refine_ls_shell.redundancy_reflns_obs 
_refine_ls_shell.number_reflns_obs 
'X-RAY DIFFRACTION' . 2.7501 3.0262  1135 0.3099 88.00 0.3489 . . 132 . . . . 
'X-RAY DIFFRACTION' . 3.0262 3.4626  1298 0.2250 99.00 0.2971 . . 144 . . . . 
'X-RAY DIFFRACTION' . 3.4626 4.3570  1315 0.2080 99.00 0.2763 . . 144 . . . . 
'X-RAY DIFFRACTION' . 4.3570 22.0108 1391 0.1692 98.00 0.1850 . . 153 . . . . 
# 
_struct.entry_id                  3Q50 
_struct.title                     'Structural analysis of a class I PreQ1 riboswitch aptamer in the metabolite-bound state' 
_struct.pdbx_model_details        ? 
_struct.pdbx_CASP_flag            ? 
_struct.pdbx_model_type_details   ? 
# 
_struct_keywords.entry_id        3Q50 
_struct_keywords.text            'PREQ1, PREQ0, RNA, RIBOSOMAL BINDING SITE, APTAMER, METABOLITE, Pseudoknot, H-type, RIBOSWITCH' 
_struct_keywords.pdbx_keywords   RNA 
# 
loop_
_struct_asym.id 
_struct_asym.pdbx_blank_PDB_chainid_flag 
_struct_asym.pdbx_modified 
_struct_asym.entity_id 
_struct_asym.details 
A N N 1 ? 
B N N 2 ? 
C N N 3 ? 
D N N 3 ? 
E N N 3 ? 
F N N 3 ? 
G N N 4 ? 
# 
_struct_biol.id        1 
_struct_biol.details   ? 
# 
loop_
_struct_conn.id 
_struct_conn.conn_type_id 
_struct_conn.pdbx_leaving_atom_flag 
_struct_conn.pdbx_PDB_id 
_struct_conn.ptnr1_label_asym_id 
_struct_conn.ptnr1_label_comp_id 
_struct_conn.ptnr1_label_seq_id 
_struct_conn.ptnr1_label_atom_id 
_struct_conn.pdbx_ptnr1_label_alt_id 
_struct_conn.pdbx_ptnr1_PDB_ins_code 
_struct_conn.pdbx_ptnr1_standard_comp_id 
_struct_conn.ptnr1_symmetry 
_struct_conn.ptnr2_label_asym_id 
_struct_conn.ptnr2_label_comp_id 
_struct_conn.ptnr2_label_seq_id 
_struct_conn.ptnr2_label_atom_id 
_struct_conn.pdbx_ptnr2_label_alt_id 
_struct_conn.pdbx_ptnr2_PDB_ins_code 
_struct_conn.ptnr1_auth_asym_id 
_struct_conn.ptnr1_auth_comp_id 
_struct_conn.ptnr1_auth_seq_id 
_struct_conn.ptnr2_auth_asym_id 
_struct_conn.ptnr2_auth_comp_id 
_struct_conn.ptnr2_auth_seq_id 
_struct_conn.ptnr2_symmetry 
_struct_conn.pdbx_ptnr3_label_atom_id 
_struct_conn.pdbx_ptnr3_label_seq_id 
_struct_conn.pdbx_ptnr3_label_comp_id 
_struct_conn.pdbx_ptnr3_label_asym_id 
_struct_conn.pdbx_ptnr3_label_alt_id 
_struct_conn.pdbx_ptnr3_PDB_ins_code 
_struct_conn.details 
_struct_conn.pdbx_dist_value 
_struct_conn.pdbx_value_order 
_struct_conn.pdbx_role 
hydrog1  hydrog ? ? A C 1  N3 ? ? ? 1_555 A G 20 N1 ? ? A C 1  A G 20 1_555 ? ? ? ? ? ? WATSON-CRICK  ? ? ? 
hydrog2  hydrog ? ? A C 1  N4 ? ? ? 1_555 A G 20 O6 ? ? A C 1  A G 20 1_555 ? ? ? ? ? ? WATSON-CRICK  ? ? ? 
hydrog3  hydrog ? ? A C 1  O2 ? ? ? 1_555 A G 20 N2 ? ? A C 1  A G 20 1_555 ? ? ? ? ? ? WATSON-CRICK  ? ? ? 
hydrog4  hydrog ? ? A U 2  N3 ? ? ? 1_555 A A 19 N1 ? ? A U 2  A A 19 1_555 ? ? ? ? ? ? WATSON-CRICK  ? ? ? 
hydrog5  hydrog ? ? A U 2  O4 ? ? ? 1_555 A A 19 N6 ? ? A U 2  A A 19 1_555 ? ? ? ? ? ? WATSON-CRICK  ? ? ? 
hydrog6  hydrog ? ? A G 3  N1 ? ? ? 1_555 A C 18 N3 ? ? A G 3  A C 18 1_555 ? ? ? ? ? ? WATSON-CRICK  ? ? ? 
hydrog7  hydrog ? ? A G 3  N2 ? ? ? 1_555 A C 18 O2 ? ? A G 3  A C 18 1_555 ? ? ? ? ? ? WATSON-CRICK  ? ? ? 
hydrog8  hydrog ? ? A G 3  O6 ? ? ? 1_555 A C 18 N4 ? ? A G 3  A C 18 1_555 ? ? ? ? ? ? WATSON-CRICK  ? ? ? 
hydrog9  hydrog ? ? A G 4  N1 ? ? ? 1_555 A C 17 N3 ? ? A G 4  A C 17 1_555 ? ? ? ? ? ? WATSON-CRICK  ? ? ? 
hydrog10 hydrog ? ? A G 4  N2 ? ? ? 1_555 A C 17 O2 ? ? A G 4  A C 17 1_555 ? ? ? ? ? ? WATSON-CRICK  ? ? ? 
hydrog11 hydrog ? ? A G 4  O6 ? ? ? 1_555 A C 17 N4 ? ? A G 4  A C 17 1_555 ? ? ? ? ? ? WATSON-CRICK  ? ? ? 
hydrog12 hydrog ? ? A G 5  N1 ? ? ? 1_555 A C 16 N3 ? ? A G 5  A C 16 1_555 ? ? ? ? ? ? WATSON-CRICK  ? ? ? 
hydrog13 hydrog ? ? A G 5  N2 ? ? ? 1_555 A C 16 O2 ? ? A G 5  A C 16 1_555 ? ? ? ? ? ? WATSON-CRICK  ? ? ? 
hydrog14 hydrog ? ? A G 5  O6 ? ? ? 1_555 A C 16 N4 ? ? A G 5  A C 16 1_555 ? ? ? ? ? ? WATSON-CRICK  ? ? ? 
hydrog15 hydrog ? ? A G 5  N2 ? ? ? 1_555 A A 27 N1 ? ? A G 5  A A 27 1_555 ? ? ? ? ? ? TYPE_10_PAIR  ? ? ? 
hydrog16 hydrog ? ? A G 5  N3 ? ? ? 1_555 A A 27 N6 ? ? A G 5  A A 27 1_555 ? ? ? ? ? ? TYPE_10_PAIR  ? ? ? 
hydrog17 hydrog ? ? A U 6  N3 ? ? ? 1_555 A A 28 N7 ? ? A U 6  A A 28 1_555 ? ? ? ? ? ? HOOGSTEEN     ? ? ? 
hydrog18 hydrog ? ? A U 6  O4 ? ? ? 1_555 A A 28 N6 ? ? A U 6  A A 28 1_555 ? ? ? ? ? ? HOOGSTEEN     ? ? ? 
hydrog19 hydrog ? ? A C 7  N4 ? ? ? 1_555 A G 11 N7 ? ? A C 7  A G 11 1_555 ? ? ? ? ? ? 'C-G PAIR'    ? ? ? 
hydrog20 hydrog ? ? A C 7  O2 ? ? ? 1_555 A A 29 N6 ? ? A C 7  A A 29 1_555 ? ? ? ? ? ? 'C-A MISPAIR' ? ? ? 
hydrog21 hydrog ? ? A C 7  O2 ? ? ? 1_555 A C 30 N4 ? ? A C 7  A C 30 1_555 ? ? ? ? ? ? 'C-C MISPAIR' ? ? ? 
hydrog22 hydrog ? ? A G 8  N2 ? ? ? 1_555 A A 31 N1 ? ? A G 8  A A 31 1_555 ? ? ? ? ? ? TYPE_10_PAIR  ? ? ? 
hydrog23 hydrog ? ? A G 8  N3 ? ? ? 1_555 A A 31 N6 ? ? A G 8  A A 31 1_555 ? ? ? ? ? ? TYPE_10_PAIR  ? ? ? 
hydrog24 hydrog ? ? A C 9  N3 ? ? ? 1_555 A G 33 N1 ? ? A C 9  A G 33 1_555 ? ? ? ? ? ? WATSON-CRICK  ? ? ? 
hydrog25 hydrog ? ? A C 9  N4 ? ? ? 1_555 A G 33 O6 ? ? A C 9  A G 33 1_555 ? ? ? ? ? ? WATSON-CRICK  ? ? ? 
hydrog26 hydrog ? ? A C 9  O2 ? ? ? 1_555 A G 33 N2 ? ? A C 9  A G 33 1_555 ? ? ? ? ? ? WATSON-CRICK  ? ? ? 
hydrog27 hydrog ? ? A A 10 N3 ? ? ? 1_555 A A 32 N6 ? ? A A 10 A A 32 1_555 ? ? ? ? ? ? 'A-A MISPAIR' ? ? ? 
hydrog28 hydrog ? ? A G 11 N2 ? ? ? 1_555 A A 14 N1 ? ? A G 11 A A 14 1_555 ? ? ? ? ? ? TYPE_10_PAIR  ? ? ? 
hydrog29 hydrog ? ? A G 11 N3 ? ? ? 1_555 A A 14 N6 ? ? A G 11 A A 14 1_555 ? ? ? ? ? ? TYPE_10_PAIR  ? ? ? 
hydrog30 hydrog ? ? A G 11 N1 ? ? ? 1_555 A C 30 N3 ? ? A G 11 A C 30 1_555 ? ? ? ? ? ? WATSON-CRICK  ? ? ? 
hydrog31 hydrog ? ? A G 11 N2 ? ? ? 1_555 A C 30 O2 ? ? A G 11 A C 30 1_555 ? ? ? ? ? ? WATSON-CRICK  ? ? ? 
hydrog32 hydrog ? ? A G 11 O6 ? ? ? 1_555 A C 30 N4 ? ? A G 11 A C 30 1_555 ? ? ? ? ? ? WATSON-CRICK  ? ? ? 
hydrog33 hydrog ? ? A A 13 N6 ? ? ? 1_555 A A 31 N3 ? ? A A 13 A A 31 1_555 ? ? ? ? ? ? 'A-A MISPAIR' ? ? ? 
hydrog34 hydrog ? ? A C 16 O2 ? ? ? 1_555 A A 28 N6 ? ? A C 16 A A 28 1_555 ? ? ? ? ? ? 'C-A MISPAIR' ? ? ? 
hydrog35 hydrog ? ? A C 17 O2 ? ? ? 1_555 A A 26 N6 ? ? A C 17 A A 26 1_555 ? ? ? ? ? ? 'C-A MISPAIR' ? ? ? 
hydrog36 hydrog ? ? A G 20 N2 ? ? ? 1_555 A U 21 O4 ? ? A G 20 A U 21 1_555 ? ? ? ? ? ? 'G-U MISPAIR' ? ? ? 
# 
_struct_conn_type.id          hydrog 
_struct_conn_type.criteria    ? 
_struct_conn_type.reference   ? 
# 
loop_
_struct_site.id 
_struct_site.pdbx_evidence_code 
_struct_site.pdbx_auth_asym_id 
_struct_site.pdbx_auth_comp_id 
_struct_site.pdbx_auth_seq_id 
_struct_site.pdbx_auth_ins_code 
_struct_site.pdbx_num_residues 
_struct_site.details 
AC1 Software A PRF 34  ? 8 'BINDING SITE FOR RESIDUE PRF A 34'  
AC2 Software A SO4 101 ? 2 'BINDING SITE FOR RESIDUE SO4 A 101' 
AC3 Software A SO4 102 ? 3 'BINDING SITE FOR RESIDUE SO4 A 102' 
AC4 Software A SO4 103 ? 3 'BINDING SITE FOR RESIDUE SO4 A 103' 
AC5 Software A SO4 104 ? 4 'BINDING SITE FOR RESIDUE SO4 A 104' 
# 
loop_
_struct_site_gen.id 
_struct_site_gen.site_id 
_struct_site_gen.pdbx_num_res 
_struct_site_gen.label_comp_id 
_struct_site_gen.label_asym_id 
_struct_site_gen.label_seq_id 
_struct_site_gen.pdbx_auth_ins_code 
_struct_site_gen.auth_comp_id 
_struct_site_gen.auth_asym_id 
_struct_site_gen.auth_seq_id 
_struct_site_gen.label_atom_id 
_struct_site_gen.label_alt_id 
_struct_site_gen.symmetry 
_struct_site_gen.details 
1  AC1 8 G   A 5  ? G   A 5   . ? 1_555  ? 
2  AC1 8 U   A 6  ? U   A 6   . ? 1_555  ? 
3  AC1 8 G   A 11 ? G   A 11  . ? 1_555  ? 
4  AC1 8 C   A 15 ? C   A 15  . ? 1_555  ? 
5  AC1 8 C   A 16 ? C   A 16  . ? 1_555  ? 
6  AC1 8 A   A 29 ? A   A 29  . ? 1_555  ? 
7  AC1 8 C   A 30 ? C   A 30  . ? 1_555  ? 
8  AC1 8 SO4 C .  ? SO4 A 101 . ? 1_555  ? 
9  AC2 2 G   A 11 ? G   A 11  . ? 1_555  ? 
10 AC2 2 PRF B .  ? PRF A 34  . ? 1_555  ? 
11 AC3 3 C   A 15 ? C   A 15  . ? 1_555  ? 
12 AC3 3 C   A 16 ? C   A 16  . ? 1_555  ? 
13 AC3 3 C   A 17 ? C   A 17  . ? 1_555  ? 
14 AC4 3 C   A 17 ? C   A 17  . ? 1_555  ? 
15 AC4 3 C   A 18 ? C   A 18  . ? 1_555  ? 
16 AC4 3 A   A 19 ? A   A 19  . ? 1_555  ? 
17 AC5 4 U   A 12 ? U   A 12  . ? 10_665 ? 
18 AC5 4 U   A 12 ? U   A 12  . ? 1_555  ? 
19 AC5 4 A   A 13 ? A   A 13  . ? 1_555  ? 
20 AC5 4 A   A 32 ? A   A 32  . ? 1_555  ? 
# 
_atom_sites.entry_id                    3Q50 
_atom_sites.fract_transf_matrix[1][1]   0.00094415 
_atom_sites.fract_transf_matrix[1][2]   -0.00302384 
_atom_sites.fract_transf_matrix[1][3]   0.00993059 
_atom_sites.fract_transf_matrix[2][1]   0.00874884 
_atom_sites.fract_transf_matrix[2][2]   0.00207679 
_atom_sites.fract_transf_matrix[2][3]   0.00527102 
_atom_sites.fract_transf_matrix[3][1]   -0.00651949 
_atom_sites.fract_transf_matrix[3][2]   0.01460448 
_atom_sites.fract_transf_matrix[3][3]   0.00506687 
_atom_sites.fract_transf_vector[1]      0.496996 
_atom_sites.fract_transf_vector[2]      0.370970 
_atom_sites.fract_transf_vector[3]      0.461065 
# 
loop_
_atom_type.symbol 
C 
N 
O 
P 
S 
# 
loop_
_atom_site.group_PDB 
_atom_site.id 
_atom_site.type_symbol 
_atom_site.label_atom_id 
_atom_site.label_alt_id 
_atom_site.label_comp_id 
_atom_site.label_asym_id 
_atom_site.label_entity_id 
_atom_site.label_seq_id 
_atom_site.pdbx_PDB_ins_code 
_atom_site.Cartn_x 
_atom_site.Cartn_y 
_atom_site.Cartn_z 
_atom_site.occupancy 
_atom_site.B_iso_or_equiv 
_atom_site.pdbx_formal_charge 
_atom_site.auth_seq_id 
_atom_site.auth_comp_id 
_atom_site.auth_asym_id 
_atom_site.auth_atom_id 
_atom_site.pdbx_PDB_model_num 
ATOM   1   O "O5'" . C   A 1 1  ? 16.365  0.539   3.047   1.00 60.98  ? 1   C   A "O5'" 1 
ATOM   2   C "C5'" . C   A 1 1  ? 15.164  0.535   3.818   1.00 59.37  ? 1   C   A "C5'" 1 
ATOM   3   C "C4'" . C   A 1 1  ? 15.142  1.629   4.859   1.00 53.77  ? 1   C   A "C4'" 1 
ATOM   4   O "O4'" . C   A 1 1  ? 15.391  2.910   4.226   1.00 49.51  ? 1   C   A "O4'" 1 
ATOM   5   C "C3'" . C   A 1 1  ? 13.813  1.798   5.577   1.00 50.04  ? 1   C   A "C3'" 1 
ATOM   6   O "O3'" . C   A 1 1  ? 13.703  0.963   6.710   1.00 46.65  ? 1   C   A "O3'" 1 
ATOM   7   C "C2'" . C   A 1 1  ? 13.801  3.272   5.942   1.00 55.45  ? 1   C   A "C2'" 1 
ATOM   8   O "O2'" . C   A 1 1  ? 14.577  3.483   7.111   1.00 59.46  ? 1   C   A "O2'" 1 
ATOM   9   C "C1'" . C   A 1 1  ? 14.531  3.888   4.753   1.00 48.86  ? 1   C   A "C1'" 1 
ATOM   10  N N1    . C   A 1 1  ? 13.618  4.205   3.652   1.00 43.62  ? 1   C   A N1    1 
ATOM   11  C C2    . C   A 1 1  ? 12.877  5.355   3.744   1.00 42.60  ? 1   C   A C2    1 
ATOM   12  O O2    . C   A 1 1  ? 13.045  6.015   4.764   1.00 46.97  ? 1   C   A O2    1 
ATOM   13  N N3    . C   A 1 1  ? 12.030  5.699   2.757   1.00 40.12  ? 1   C   A N3    1 
ATOM   14  C C4    . C   A 1 1  ? 11.929  4.915   1.691   1.00 40.71  ? 1   C   A C4    1 
ATOM   15  N N4    . C   A 1 1  ? 11.094  5.262   0.713   1.00 41.36  ? 1   C   A N4    1 
ATOM   16  C C5    . C   A 1 1  ? 12.684  3.727   1.566   1.00 41.68  ? 1   C   A C5    1 
ATOM   17  C C6    . C   A 1 1  ? 13.514  3.410   2.562   1.00 43.37  ? 1   C   A C6    1 
ATOM   18  P P     . U   A 1 2  ? 12.246  0.388   7.036   1.00 66.45  ? 2   U   A P     1 
ATOM   19  O OP1   . U   A 1 2  ? 12.419  -0.511  8.209   1.00 59.90  ? 2   U   A OP1   1 
ATOM   20  O OP2   . U   A 1 2  ? 11.659  -0.057  5.738   1.00 52.14  ? 2   U   A OP2   1 
ATOM   21  O "O5'" . U   A 1 2  ? 11.447  1.662   7.517   1.00 58.75  ? 2   U   A "O5'" 1 
ATOM   22  C "C5'" . U   A 1 2  ? 11.921  2.405   8.626   1.00 58.69  ? 2   U   A "C5'" 1 
ATOM   23  C "C4'" . U   A 1 2  ? 11.163  3.695   8.717   1.00 55.40  ? 2   U   A "C4'" 1 
ATOM   24  O "O4'" . U   A 1 2  ? 11.425  4.477   7.525   1.00 50.02  ? 2   U   A "O4'" 1 
ATOM   25  C "C3'" . U   A 1 2  ? 9.651   3.553   8.723   1.00 50.44  ? 2   U   A "C3'" 1 
ATOM   26  O "O3'" . U   A 1 2  ? 9.126   3.180   9.982   1.00 45.67  ? 2   U   A "O3'" 1 
ATOM   27  C "C2'" . U   A 1 2  ? 9.219   4.934   8.275   1.00 48.44  ? 2   U   A "C2'" 1 
ATOM   28  O "O2'" . U   A 1 2  ? 9.414   5.842   9.348   1.00 49.53  ? 2   U   A "O2'" 1 
ATOM   29  C "C1'" . U   A 1 2  ? 10.273  5.226   7.205   1.00 49.45  ? 2   U   A "C1'" 1 
ATOM   30  N N1    . U   A 1 2  ? 9.800   4.899   5.844   1.00 45.88  ? 2   U   A N1    1 
ATOM   31  C C2    . U   A 1 2  ? 8.912   5.797   5.291   1.00 45.49  ? 2   U   A C2    1 
ATOM   32  O O2    . U   A 1 2  ? 8.550   6.778   5.893   1.00 50.75  ? 2   U   A O2    1 
ATOM   33  N N3    . U   A 1 2  ? 8.451   5.531   4.033   1.00 42.24  ? 2   U   A N3    1 
ATOM   34  C C4    . U   A 1 2  ? 8.805   4.444   3.281   1.00 42.39  ? 2   U   A C4    1 
ATOM   35  O O4    . U   A 1 2  ? 8.307   4.333   2.168   1.00 44.14  ? 2   U   A O4    1 
ATOM   36  C C5    . U   A 1 2  ? 9.737   3.556   3.907   1.00 39.68  ? 2   U   A C5    1 
ATOM   37  C C6    . U   A 1 2  ? 10.203  3.798   5.139   1.00 43.27  ? 2   U   A C6    1 
ATOM   38  P P     . G   A 1 3  ? 7.668   2.505   10.028  1.00 56.41  ? 3   G   A P     1 
ATOM   39  O OP1   . G   A 1 3  ? 7.532   2.143   11.456  1.00 53.21  ? 3   G   A OP1   1 
ATOM   40  O OP2   . G   A 1 3  ? 7.533   1.471   8.964   1.00 46.37  ? 3   G   A OP2   1 
ATOM   41  O "O5'" . G   A 1 3  ? 6.685   3.707   9.672   1.00 55.81  ? 3   G   A "O5'" 1 
ATOM   42  C "C5'" . G   A 1 3  ? 6.577   4.859   10.487  1.00 44.43  ? 3   G   A "C5'" 1 
ATOM   43  C "C4'" . G   A 1 3  ? 5.447   5.714   9.999   1.00 45.17  ? 3   G   A "C4'" 1 
ATOM   44  O "O4'" . G   A 1 3  ? 5.797   6.362   8.752   1.00 46.34  ? 3   G   A "O4'" 1 
ATOM   45  C "C3'" . G   A 1 3  ? 4.171   4.970   9.666   1.00 47.34  ? 3   G   A "C3'" 1 
ATOM   46  O "O3'" . G   A 1 3  ? 3.427   4.655   10.822  1.00 54.92  ? 3   G   A "O3'" 1 
ATOM   47  C "C2'" . G   A 1 3  ? 3.457   5.945   8.743   1.00 46.04  ? 3   G   A "C2'" 1 
ATOM   48  O "O2'" . G   A 1 3  ? 2.847   6.977   9.506   1.00 49.82  ? 3   G   A "O2'" 1 
ATOM   49  C "C1'" . G   A 1 3  ? 4.636   6.528   7.962   1.00 44.41  ? 3   G   A "C1'" 1 
ATOM   50  N N9    . G   A 1 3  ? 4.850   5.811   6.697   1.00 47.36  ? 3   G   A N9    1 
ATOM   51  C C8    . G   A 1 3  ? 5.755   4.797   6.512   1.00 41.53  ? 3   G   A C8    1 
ATOM   52  N N7    . G   A 1 3  ? 5.736   4.342   5.295   1.00 40.72  ? 3   G   A N7    1 
ATOM   53  C C5    . G   A 1 3  ? 4.775   5.081   4.638   1.00 39.21  ? 3   G   A C5    1 
ATOM   54  C C6    . G   A 1 3  ? 4.331   5.025   3.294   1.00 41.38  ? 3   G   A C6    1 
ATOM   55  O O6    . G   A 1 3  ? 4.691   4.291   2.379   1.00 43.84  ? 3   G   A O6    1 
ATOM   56  N N1    . G   A 1 3  ? 3.346   5.953   3.031   1.00 43.26  ? 3   G   A N1    1 
ATOM   57  C C2    . G   A 1 3  ? 2.855   6.829   3.953   1.00 43.41  ? 3   G   A C2    1 
ATOM   58  N N2    . G   A 1 3  ? 1.902   7.641   3.481   1.00 45.71  ? 3   G   A N2    1 
ATOM   59  N N3    . G   A 1 3  ? 3.261   6.897   5.216   1.00 40.17  ? 3   G   A N3    1 
ATOM   60  C C4    . G   A 1 3  ? 4.219   6.002   5.489   1.00 41.95  ? 3   G   A C4    1 
ATOM   61  P P     . G   A 1 4  ? 2.134   3.713   10.720  1.00 59.42  ? 4   G   A P     1 
ATOM   62  O OP1   . G   A 1 4  ? 1.613   3.715   12.110  1.00 60.52  ? 4   G   A OP1   1 
ATOM   63  O OP2   . G   A 1 4  ? 2.498   2.452   10.028  1.00 58.32  ? 4   G   A OP2   1 
ATOM   64  O "O5'" . G   A 1 4  ? 1.159   4.513   9.788   1.00 50.35  ? 4   G   A "O5'" 1 
ATOM   65  C "C5'" . G   A 1 4  ? 0.102   3.812   9.175   1.00 46.72  ? 4   G   A "C5'" 1 
ATOM   66  C "C4'" . G   A 1 4  ? -0.442  4.670   8.080   1.00 45.99  ? 4   G   A "C4'" 1 
ATOM   67  O "O4'" . G   A 1 4  ? 0.650   5.079   7.223   1.00 48.78  ? 4   G   A "O4'" 1 
ATOM   68  C "C3'" . G   A 1 4  ? -1.405  3.982   7.143   1.00 47.55  ? 4   G   A "C3'" 1 
ATOM   69  O "O3'" . G   A 1 4  ? -2.701  3.917   7.695   1.00 54.82  ? 4   G   A "O3'" 1 
ATOM   70  C "C2'" . G   A 1 4  ? -1.310  4.848   5.900   1.00 48.30  ? 4   G   A "C2'" 1 
ATOM   71  O "O2'" . G   A 1 4  ? -2.033  6.052   6.107   1.00 43.58  ? 4   G   A "O2'" 1 
ATOM   72  C "C1'" . G   A 1 4  ? 0.182   5.186   5.895   1.00 47.40  ? 4   G   A "C1'" 1 
ATOM   73  N N9    . G   A 1 4  ? 0.975   4.276   5.052   1.00 44.07  ? 4   G   A N9    1 
ATOM   74  C C8    . G   A 1 4  ? 1.992   3.457   5.475   1.00 45.49  ? 4   G   A C8    1 
ATOM   75  N N7    . G   A 1 4  ? 2.528   2.762   4.504   1.00 45.95  ? 4   G   A N7    1 
ATOM   76  C C5    . G   A 1 4  ? 1.833   3.158   3.375   1.00 40.13  ? 4   G   A C5    1 
ATOM   77  C C6    . G   A 1 4  ? 1.988   2.751   2.034   1.00 41.23  ? 4   G   A C6    1 
ATOM   78  O O6    . G   A 1 4  ? 2.790   1.929   1.565   1.00 48.10  ? 4   G   A O6    1 
ATOM   79  N N1    . G   A 1 4  ? 1.085   3.394   1.208   1.00 41.53  ? 4   G   A N1    1 
ATOM   80  C C2    . G   A 1 4  ? 0.164   4.326   1.619   1.00 43.26  ? 4   G   A C2    1 
ATOM   81  N N2    . G   A 1 4  ? -0.613  4.844   0.655   1.00 40.87  ? 4   G   A N2    1 
ATOM   82  N N3    . G   A 1 4  ? 0.011   4.720   2.873   1.00 41.76  ? 4   G   A N3    1 
ATOM   83  C C4    . G   A 1 4  ? 0.875   4.097   3.692   1.00 42.66  ? 4   G   A C4    1 
ATOM   84  P P     . G   A 1 5  ? -3.615  2.666   7.295   1.00 51.87  ? 5   G   A P     1 
ATOM   85  O OP1   . G   A 1 5  ? -4.901  2.828   8.026   1.00 48.16  ? 5   G   A OP1   1 
ATOM   86  O OP2   . G   A 1 5  ? -2.758  1.489   7.537   1.00 40.90  ? 5   G   A OP2   1 
ATOM   87  O "O5'" . G   A 1 5  ? -3.859  2.892   5.742   1.00 44.82  ? 5   G   A "O5'" 1 
ATOM   88  C "C5'" . G   A 1 5  ? -4.802  3.881   5.368   1.00 42.51  ? 5   G   A "C5'" 1 
ATOM   89  C "C4'" . G   A 1 5  ? -4.997  3.891   3.880   1.00 46.74  ? 5   G   A "C4'" 1 
ATOM   90  O "O4'" . G   A 1 5  ? -3.707  3.976   3.231   1.00 51.85  ? 5   G   A "O4'" 1 
ATOM   91  C "C3'" . G   A 1 5  ? -5.606  2.631   3.306   1.00 50.33  ? 5   G   A "C3'" 1 
ATOM   92  O "O3'" . G   A 1 5  ? -7.013  2.655   3.404   1.00 55.22  ? 5   G   A "O3'" 1 
ATOM   93  C "C2'" . G   A 1 5  ? -5.098  2.606   1.872   1.00 48.44  ? 5   G   A "C2'" 1 
ATOM   94  O "O2'" . G   A 1 5  ? -5.893  3.453   1.054   1.00 47.80  ? 5   G   A "O2'" 1 
ATOM   95  C "C1'" . G   A 1 5  ? -3.717  3.240   2.027   1.00 46.18  ? 5   G   A "C1'" 1 
ATOM   96  N N9    . G   A 1 5  ? -2.588  2.290   2.068   1.00 43.32  ? 5   G   A N9    1 
ATOM   97  C C8    . G   A 1 5  ? -1.922  1.827   3.181   1.00 45.88  ? 5   G   A C8    1 
ATOM   98  N N7    . G   A 1 5  ? -0.927  1.025   2.897   1.00 41.87  ? 5   G   A N7    1 
ATOM   99  C C5    . G   A 1 5  ? -0.923  0.975   1.509   1.00 40.62  ? 5   G   A C5    1 
ATOM   100 C C6    . G   A 1 5  ? -0.077  0.260   0.621   1.00 42.06  ? 5   G   A C6    1 
ATOM   101 O O6    . G   A 1 5  ? 0.869   -0.485  0.891   1.00 40.41  ? 5   G   A O6    1 
ATOM   102 N N1    . G   A 1 5  ? -0.417  0.491   -0.702  1.00 42.48  ? 5   G   A N1    1 
ATOM   103 C C2    . G   A 1 5  ? -1.453  1.305   -1.106  1.00 45.74  ? 5   G   A C2    1 
ATOM   104 N N2    . G   A 1 5  ? -1.634  1.408   -2.428  1.00 45.55  ? 5   G   A N2    1 
ATOM   105 N N3    . G   A 1 5  ? -2.262  1.973   -0.293  1.00 41.49  ? 5   G   A N3    1 
ATOM   106 C C4    . G   A 1 5  ? -1.932  1.759   0.990   1.00 40.26  ? 5   G   A C4    1 
ATOM   107 P P     . U   A 1 6  ? -7.785  1.294   3.124   1.00 61.47  ? 6   U   A P     1 
ATOM   108 O OP1   . U   A 1 6  ? -8.801  1.249   4.208   1.00 58.28  ? 6   U   A OP1   1 
ATOM   109 O OP2   . U   A 1 6  ? -6.756  0.227   3.061   1.00 53.14  ? 6   U   A OP2   1 
ATOM   110 O "O5'" . U   A 1 6  ? -8.436  1.566   1.695   1.00 49.28  ? 6   U   A "O5'" 1 
ATOM   111 C "C5'" . U   A 1 6  ? -9.592  2.384   1.674   1.00 49.51  ? 6   U   A "C5'" 1 
ATOM   112 C "C4'" . U   A 1 6  ? -10.015 2.681   0.267   1.00 49.91  ? 6   U   A "C4'" 1 
ATOM   113 O "O4'" . U   A 1 6  ? -8.879  3.196   -0.458  1.00 56.04  ? 6   U   A "O4'" 1 
ATOM   114 C "C3'" . U   A 1 6  ? -10.444 1.484   -0.556  1.00 51.40  ? 6   U   A "C3'" 1 
ATOM   115 O "O3'" . U   A 1 6  ? -11.784 1.132   -0.321  1.00 54.87  ? 6   U   A "O3'" 1 
ATOM   116 C "C2'" . U   A 1 6  ? -10.193 1.924   -1.987  1.00 53.57  ? 6   U   A "C2'" 1 
ATOM   117 O "O2'" . U   A 1 6  ? -11.237 2.762   -2.464  1.00 54.59  ? 6   U   A "O2'" 1 
ATOM   118 C "C1'" . U   A 1 6  ? -8.933  2.758   -1.794  1.00 52.90  ? 6   U   A "C1'" 1 
ATOM   119 N N1    . U   A 1 6  ? -7.775  1.912   -1.989  1.00 45.60  ? 6   U   A N1    1 
ATOM   120 C C2    . U   A 1 6  ? -7.411  1.745   -3.297  1.00 51.93  ? 6   U   A C2    1 
ATOM   121 O O2    . U   A 1 6  ? -8.036  2.291   -4.188  1.00 55.11  ? 6   U   A O2    1 
ATOM   122 N N3    . U   A 1 6  ? -6.321  0.933   -3.506  1.00 47.09  ? 6   U   A N3    1 
ATOM   123 C C4    . U   A 1 6  ? -5.598  0.314   -2.510  1.00 44.18  ? 6   U   A C4    1 
ATOM   124 O O4    . U   A 1 6  ? -4.632  -0.366  -2.823  1.00 46.43  ? 6   U   A O4    1 
ATOM   125 C C5    . U   A 1 6  ? -6.058  0.541   -1.169  1.00 47.38  ? 6   U   A C5    1 
ATOM   126 C C6    . U   A 1 6  ? -7.120  1.325   -0.944  1.00 47.26  ? 6   U   A C6    1 
ATOM   127 P P     . C   A 1 7  ? -12.056 -0.373  0.123   1.00 64.91  ? 7   C   A P     1 
ATOM   128 O OP1   . C   A 1 7  ? -13.531 -0.460  0.216   1.00 65.14  ? 7   C   A OP1   1 
ATOM   129 O OP2   . C   A 1 7  ? -11.222 -0.587  1.341   1.00 56.07  ? 7   C   A OP2   1 
ATOM   130 O "O5'" . C   A 1 7  ? -11.558 -1.205  -1.148  1.00 55.20  ? 7   C   A "O5'" 1 
ATOM   131 C "C5'" . C   A 1 7  ? -12.155 -0.925  -2.409  1.00 58.60  ? 7   C   A "C5'" 1 
ATOM   132 C "C4'" . C   A 1 7  ? -11.362 -1.482  -3.571  1.00 59.53  ? 7   C   A "C4'" 1 
ATOM   133 O "O4'" . C   A 1 7  ? -10.010 -0.959  -3.537  1.00 58.29  ? 7   C   A "O4'" 1 
ATOM   134 C "C3'" . C   A 1 7  ? -11.174 -2.993  -3.599  1.00 61.87  ? 7   C   A "C3'" 1 
ATOM   135 O "O3'" . C   A 1 7  ? -12.282 -3.681  -4.140  1.00 62.72  ? 7   C   A "O3'" 1 
ATOM   136 C "C2'" . C   A 1 7  ? -9.902  -3.168  -4.414  1.00 59.20  ? 7   C   A "C2'" 1 
ATOM   137 O "O2'" . C   A 1 7  ? -10.173 -3.023  -5.798  1.00 62.62  ? 7   C   A "O2'" 1 
ATOM   138 C "C1'" . C   A 1 7  ? -9.099  -1.960  -3.936  1.00 57.07  ? 7   C   A "C1'" 1 
ATOM   139 N N1    . C   A 1 7  ? -8.372  -2.347  -2.726  1.00 49.79  ? 7   C   A N1    1 
ATOM   140 C C2    . C   A 1 7  ? -7.195  -3.032  -2.890  1.00 47.73  ? 7   C   A C2    1 
ATOM   141 O O2    . C   A 1 7  ? -6.839  -3.254  -4.055  1.00 53.35  ? 7   C   A O2    1 
ATOM   142 N N3    . C   A 1 7  ? -6.500  -3.413  -1.798  1.00 44.58  ? 7   C   A N3    1 
ATOM   143 C C4    . C   A 1 7  ? -6.968  -3.131  -0.590  1.00 45.81  ? 7   C   A C4    1 
ATOM   144 N N4    . C   A 1 7  ? -6.261  -3.519  0.469   1.00 50.19  ? 7   C   A N4    1 
ATOM   145 C C5    . C   A 1 7  ? -8.184  -2.430  -0.396  1.00 51.68  ? 7   C   A C5    1 
ATOM   146 C C6    . C   A 1 7  ? -8.851  -2.058  -1.487  1.00 52.97  ? 7   C   A C6    1 
ATOM   147 P P     . G   A 1 8  ? -13.009 -4.801  -3.248  1.00 75.45  ? 8   G   A P     1 
ATOM   148 O OP1   . G   A 1 8  ? -14.160 -5.075  -4.144  1.00 73.09  ? 8   G   A OP1   1 
ATOM   149 O OP2   . G   A 1 8  ? -13.248 -4.355  -1.852  1.00 64.25  ? 8   G   A OP2   1 
ATOM   150 O "O5'" . G   A 1 8  ? -11.958 -5.997  -3.182  1.00 66.64  ? 8   G   A "O5'" 1 
ATOM   151 C "C5'" . G   A 1 8  ? -11.584 -6.655  -4.377  1.00 61.85  ? 8   G   A "C5'" 1 
ATOM   152 C "C4'" . G   A 1 8  ? -10.318 -7.433  -4.169  1.00 59.12  ? 8   G   A "C4'" 1 
ATOM   153 O "O4'" . G   A 1 8  ? -9.290  -6.564  -3.633  1.00 63.15  ? 8   G   A "O4'" 1 
ATOM   154 C "C3'" . G   A 1 8  ? -10.392 -8.546  -3.142  1.00 64.94  ? 8   G   A "C3'" 1 
ATOM   155 O "O3'" . G   A 1 8  ? -11.042 -9.702  -3.635  1.00 71.60  ? 8   G   A "O3'" 1 
ATOM   156 C "C2'" . G   A 1 8  ? -8.923  -8.763  -2.809  1.00 59.98  ? 8   G   A "C2'" 1 
ATOM   157 O "O2'" . G   A 1 8  ? -8.288  -9.510  -3.836  1.00 58.96  ? 8   G   A "O2'" 1 
ATOM   158 C "C1'" . G   A 1 8  ? -8.410  -7.319  -2.824  1.00 60.13  ? 8   G   A "C1'" 1 
ATOM   159 N N9    . G   A 1 8  ? -8.436  -6.785  -1.455  1.00 56.92  ? 8   G   A N9    1 
ATOM   160 C C8    . G   A 1 8  ? -9.407  -6.006  -0.874  1.00 54.68  ? 8   G   A C8    1 
ATOM   161 N N7    . G   A 1 8  ? -9.133  -5.747  0.380   1.00 53.25  ? 8   G   A N7    1 
ATOM   162 C C5    . G   A 1 8  ? -7.932  -6.403  0.625   1.00 49.07  ? 8   G   A C5    1 
ATOM   163 C C6    . G   A 1 8  ? -7.148  -6.491  1.799   1.00 51.54  ? 8   G   A C6    1 
ATOM   164 O O6    . G   A 1 8  ? -7.368  -5.984  2.900   1.00 64.04  ? 8   G   A O6    1 
ATOM   165 N N1    . G   A 1 8  ? -6.001  -7.251  1.618   1.00 49.64  ? 8   G   A N1    1 
ATOM   166 C C2    . G   A 1 8  ? -5.639  -7.875  0.450   1.00 54.14  ? 8   G   A C2    1 
ATOM   167 N N2    . G   A 1 8  ? -4.486  -8.580  0.487   1.00 47.79  ? 8   G   A N2    1 
ATOM   168 N N3    . G   A 1 8  ? -6.369  -7.798  -0.660  1.00 52.05  ? 8   G   A N3    1 
ATOM   169 C C4    . G   A 1 8  ? -7.486  -7.052  -0.497  1.00 50.88  ? 8   G   A C4    1 
ATOM   170 P P     . C   A 1 9  ? -12.476 -10.103 -3.034  1.00 74.95  ? 9   C   A P     1 
ATOM   171 O OP1   . C   A 1 9  ? -13.261 -10.668 -4.162  1.00 67.89  ? 9   C   A OP1   1 
ATOM   172 O OP2   . C   A 1 9  ? -13.054 -8.976  -2.249  1.00 67.52  ? 9   C   A OP2   1 
ATOM   173 O "O5'" . C   A 1 9  ? -11.979 -11.221 -2.032  1.00 58.81  ? 9   C   A "O5'" 1 
ATOM   174 C "C5'" . C   A 1 9  ? -12.517 -11.186 -0.725  1.00 59.49  ? 9   C   A "C5'" 1 
ATOM   175 C "C4'" . C   A 1 9  ? -11.836 -12.242 0.079   1.00 54.60  ? 9   C   A "C4'" 1 
ATOM   176 O "O4'" . C   A 1 9  ? -11.598 -13.361 -0.800  1.00 55.39  ? 9   C   A "O4'" 1 
ATOM   177 C "C3'" . C   A 1 9  ? -10.447 -11.876 0.545   1.00 56.89  ? 9   C   A "C3'" 1 
ATOM   178 O "O3'" . C   A 1 9  ? -10.476 -11.110 1.727   1.00 68.50  ? 9   C   A "O3'" 1 
ATOM   179 C "C2'" . C   A 1 9  ? -9.778  -13.224 0.719   1.00 55.62  ? 9   C   A "C2'" 1 
ATOM   180 O "O2'" . C   A 1 9  ? -10.184 -13.827 1.937   1.00 60.78  ? 9   C   A "O2'" 1 
ATOM   181 C "C1'" . C   A 1 9  ? -10.397 -14.004 -0.437  1.00 53.14  ? 9   C   A "C1'" 1 
ATOM   182 N N1    . C   A 1 9  ? -9.499  -14.149 -1.593  1.00 45.29  ? 9   C   A N1    1 
ATOM   183 C C2    . C   A 1 9  ? -8.313  -14.816 -1.332  1.00 47.36  ? 9   C   A C2    1 
ATOM   184 O O2    . C   A 1 9  ? -8.129  -15.208 -0.167  1.00 51.07  ? 9   C   A O2    1 
ATOM   185 N N3    . C   A 1 9  ? -7.421  -15.014 -2.329  1.00 45.00  ? 9   C   A N3    1 
ATOM   186 C C4    . C   A 1 9  ? -7.711  -14.558 -3.552  1.00 48.07  ? 9   C   A C4    1 
ATOM   187 N N4    . C   A 1 9  ? -6.802  -14.777 -4.509  1.00 44.80  ? 9   C   A N4    1 
ATOM   188 C C5    . C   A 1 9  ? -8.930  -13.871 -3.852  1.00 42.33  ? 9   C   A C5    1 
ATOM   189 C C6    . C   A 1 9  ? -9.795  -13.691 -2.845  1.00 47.94  ? 9   C   A C6    1 
ATOM   190 P P     . A   A 1 10 ? -9.625  -9.759  1.713   1.00 69.42  ? 10  A   A P     1 
ATOM   191 O OP1   . A   A 1 10 ? -9.933  -9.166  3.041   1.00 64.69  ? 10  A   A OP1   1 
ATOM   192 O OP2   . A   A 1 10 ? -9.994  -9.003  0.478   1.00 57.40  ? 10  A   A OP2   1 
ATOM   193 O "O5'" . A   A 1 10 ? -8.141  -10.355 1.686   1.00 49.67  ? 10  A   A "O5'" 1 
ATOM   194 C "C5'" . A   A 1 10 ? -7.657  -10.955 2.877   1.00 50.59  ? 10  A   A "C5'" 1 
ATOM   195 C "C4'" . A   A 1 10 ? -6.507  -11.887 2.594   1.00 57.31  ? 10  A   A "C4'" 1 
ATOM   196 O "O4'" . A   A 1 10 ? -6.810  -12.628 1.396   1.00 54.58  ? 10  A   A "O4'" 1 
ATOM   197 C "C3'" . A   A 1 10 ? -5.160  -11.243 2.295   1.00 58.97  ? 10  A   A "C3'" 1 
ATOM   198 O "O3'" . A   A 1 10 ? -4.439  -10.945 3.474   1.00 67.12  ? 10  A   A "O3'" 1 
ATOM   199 C "C2'" . A   A 1 10 ? -4.450  -12.258 1.406   1.00 53.89  ? 10  A   A "C2'" 1 
ATOM   200 O "O2'" . A   A 1 10 ? -3.838  -13.289 2.173   1.00 57.77  ? 10  A   A "O2'" 1 
ATOM   201 C "C1'" . A   A 1 10 ? -5.631  -12.863 0.660   1.00 52.10  ? 10  A   A "C1'" 1 
ATOM   202 N N9    . A   A 1 10 ? -5.849  -12.321 -0.689  1.00 48.20  ? 10  A   A N9    1 
ATOM   203 C C8    . A   A 1 10 ? -6.904  -11.537 -1.073  1.00 51.75  ? 10  A   A C8    1 
ATOM   204 N N7    . A   A 1 10 ? -6.885  -11.240 -2.348  1.00 51.33  ? 10  A   A N7    1 
ATOM   205 C C5    . A   A 1 10 ? -5.759  -11.889 -2.830  1.00 44.00  ? 10  A   A C5    1 
ATOM   206 C C6    . A   A 1 10 ? -5.199  -11.952 -4.112  1.00 44.07  ? 10  A   A C6    1 
ATOM   207 N N6    . A   A 1 10 ? -5.728  -11.326 -5.165  1.00 46.78  ? 10  A   A N6    1 
ATOM   208 N N1    . A   A 1 10 ? -4.069  -12.677 -4.263  1.00 43.72  ? 10  A   A N1    1 
ATOM   209 C C2    . A   A 1 10 ? -3.551  -13.294 -3.185  1.00 46.51  ? 10  A   A C2    1 
ATOM   210 N N3    . A   A 1 10 ? -3.982  -13.304 -1.924  1.00 47.51  ? 10  A   A N3    1 
ATOM   211 C C4    . A   A 1 10 ? -5.108  -12.571 -1.817  1.00 46.23  ? 10  A   A C4    1 
ATOM   212 P P     . G   A 1 11 ? -3.957  -9.447  3.763   1.00 62.92  ? 11  G   A P     1 
ATOM   213 O OP1   . G   A 1 11 ? -3.241  -9.600  5.057   1.00 61.58  ? 11  G   A OP1   1 
ATOM   214 O OP2   . G   A 1 11 ? -5.143  -8.557  3.640   1.00 56.99  ? 11  G   A OP2   1 
ATOM   215 O "O5'" . G   A 1 11 ? -2.912  -9.184  2.599   1.00 52.55  ? 11  G   A "O5'" 1 
ATOM   216 C "C5'" . G   A 1 11 ? -1.756  -10.011 2.619   1.00 58.31  ? 11  G   A "C5'" 1 
ATOM   217 C "C4'" . G   A 1 11 ? -0.514  -9.214  2.354   1.00 57.70  ? 11  G   A "C4'" 1 
ATOM   218 O "O4'" . G   A 1 11 ? -0.678  -8.535  1.084   1.00 55.20  ? 11  G   A "O4'" 1 
ATOM   219 C "C3'" . G   A 1 11 ? -0.248  -8.130  3.379   1.00 60.07  ? 11  G   A "C3'" 1 
ATOM   220 O "O3'" . G   A 1 11 ? 1.152   -7.978  3.538   1.00 64.59  ? 11  G   A "O3'" 1 
ATOM   221 C "C2'" . G   A 1 11 ? -0.836  -6.888  2.727   1.00 57.10  ? 11  G   A "C2'" 1 
ATOM   222 O "O2'" . G   A 1 11 ? -0.222  -5.687  3.120   1.00 69.65  ? 11  G   A "O2'" 1 
ATOM   223 C "C1'" . G   A 1 11 ? -0.606  -7.143  1.248   1.00 46.86  ? 11  G   A "C1'" 1 
ATOM   224 N N9    . G   A 1 11 ? -1.668  -6.552  0.443   1.00 45.31  ? 11  G   A N9    1 
ATOM   225 C C8    . G   A 1 11 ? -2.776  -5.928  0.949   1.00 48.78  ? 11  G   A C8    1 
ATOM   226 N N7    . G   A 1 11 ? -3.576  -5.470  0.025   1.00 46.90  ? 11  G   A N7    1 
ATOM   227 C C5    . G   A 1 11 ? -2.945  -5.814  -1.161  1.00 44.56  ? 11  G   A C5    1 
ATOM   228 C C6    . G   A 1 11 ? -3.341  -5.574  -2.497  1.00 46.43  ? 11  G   A C6    1 
ATOM   229 O O6    . G   A 1 11 ? -4.355  -4.996  -2.900  1.00 49.43  ? 11  G   A O6    1 
ATOM   230 N N1    . G   A 1 11 ? -2.433  -6.077  -3.414  1.00 44.55  ? 11  G   A N1    1 
ATOM   231 C C2    . G   A 1 11 ? -1.281  -6.730  -3.080  1.00 47.38  ? 11  G   A C2    1 
ATOM   232 N N2    . G   A 1 11 ? -0.536  -7.133  -4.120  1.00 46.89  ? 11  G   A N2    1 
ATOM   233 N N3    . G   A 1 11 ? -0.891  -6.960  -1.831  1.00 46.40  ? 11  G   A N3    1 
ATOM   234 C C4    . G   A 1 11 ? -1.767  -6.479  -0.926  1.00 44.98  ? 11  G   A C4    1 
ATOM   235 P P     . U   A 1 12 ? 1.745   -8.480  4.934   1.00 80.15  ? 12  U   A P     1 
ATOM   236 O OP1   . U   A 1 12 ? 1.777   -9.951  4.740   1.00 80.31  ? 12  U   A OP1   1 
ATOM   237 O OP2   . U   A 1 12 ? 0.943   -7.871  6.030   1.00 79.47  ? 12  U   A OP2   1 
ATOM   238 O "O5'" . U   A 1 12 ? 3.225   -7.886  4.961   1.00 101.73 ? 12  U   A "O5'" 1 
ATOM   239 C "C5'" . U   A 1 12 ? 3.597   -6.612  5.498   1.00 106.32 ? 12  U   A "C5'" 1 
ATOM   240 C "C4'" . U   A 1 12 ? 4.941   -6.679  6.198   1.00 118.13 ? 12  U   A "C4'" 1 
ATOM   241 O "O4'" . U   A 1 12 ? 4.717   -7.188  7.543   1.00 118.88 ? 12  U   A "O4'" 1 
ATOM   242 C "C3'" . U   A 1 12 ? 5.960   -7.627  5.548   1.00 127.07 ? 12  U   A "C3'" 1 
ATOM   243 O "O3'" . U   A 1 12 ? 7.312   -7.174  5.781   1.00 136.74 ? 12  U   A "O3'" 1 
ATOM   244 C "C2'" . U   A 1 12 ? 5.662   -8.947  6.282   1.00 119.84 ? 12  U   A "C2'" 1 
ATOM   245 O "O2'" . U   A 1 12 ? 6.675   -9.941  6.230   1.00 113.22 ? 12  U   A "O2'" 1 
ATOM   246 C "C1'" . U   A 1 12 ? 5.349   -8.452  7.702   1.00 118.37 ? 12  U   A "C1'" 1 
ATOM   247 N N1    . U   A 1 12 ? 4.406   -9.295  8.504   1.00 114.19 ? 12  U   A N1    1 
ATOM   248 C C2    . U   A 1 12 ? 4.773   -10.582 8.919   1.00 110.99 ? 12  U   A C2    1 
ATOM   249 O O2    . U   A 1 12 ? 5.846   -11.125 8.665   1.00 101.88 ? 12  U   A O2    1 
ATOM   250 N N3    . U   A 1 12 ? 3.810   -11.241 9.657   1.00 107.18 ? 12  U   A N3    1 
ATOM   251 C C4    . U   A 1 12 ? 2.559   -10.770 10.023  1.00 107.37 ? 12  U   A C4    1 
ATOM   252 O O4    . U   A 1 12 ? 1.809   -11.493 10.691  1.00 98.96  ? 12  U   A O4    1 
ATOM   253 C C5    . U   A 1 12 ? 2.264   -9.443  9.564   1.00 104.01 ? 12  U   A C5    1 
ATOM   254 C C6    . U   A 1 12 ? 3.171   -8.772  8.846   1.00 105.68 ? 12  U   A C6    1 
ATOM   255 P P     . A   A 1 13 ? 8.517   -7.038  4.677   1.00 131.34 ? 13  A   A P     1 
ATOM   256 O OP1   . A   A 1 13 ? 9.737   -7.647  5.280   1.00 113.50 ? 13  A   A OP1   1 
ATOM   257 O OP2   . A   A 1 13 ? 8.537   -5.599  4.294   1.00 121.64 ? 13  A   A OP2   1 
ATOM   258 O "O5'" . A   A 1 13 ? 8.072   -7.913  3.425   1.00 105.41 ? 13  A   A "O5'" 1 
ATOM   259 C "C5'" . A   A 1 13 ? 7.757   -9.290  3.567   1.00 104.48 ? 13  A   A "C5'" 1 
ATOM   260 C "C4'" . A   A 1 13 ? 8.062   -10.018 2.290   1.00 103.74 ? 13  A   A "C4'" 1 
ATOM   261 O "O4'" . A   A 1 13 ? 7.123   -11.113 2.060   1.00 109.39 ? 13  A   A "O4'" 1 
ATOM   262 C "C3'" . A   A 1 13 ? 7.987   -9.175  1.035   1.00 96.88  ? 13  A   A "C3'" 1 
ATOM   263 O "O3'" . A   A 1 13 ? 9.130   -8.330  0.914   1.00 95.83  ? 13  A   A "O3'" 1 
ATOM   264 C "C2'" . A   A 1 13 ? 7.824   -10.265 -0.034  1.00 95.40  ? 13  A   A "C2'" 1 
ATOM   265 O "O2'" . A   A 1 13 ? 9.071   -10.874 -0.355  1.00 96.48  ? 13  A   A "O2'" 1 
ATOM   266 C "C1'" . A   A 1 13 ? 6.939   -11.313 0.666   1.00 99.28  ? 13  A   A "C1'" 1 
ATOM   267 N N9    . A   A 1 13 ? 5.481   -11.263 0.339   1.00 93.92  ? 13  A   A N9    1 
ATOM   268 C C8    . A   A 1 13 ? 4.469   -10.879 1.200   1.00 93.11  ? 13  A   A C8    1 
ATOM   269 N N7    . A   A 1 13 ? 3.251   -10.922 0.706   1.00 86.21  ? 13  A   A N7    1 
ATOM   270 C C5    . A   A 1 13 ? 3.433   -11.381 -0.589  1.00 82.10  ? 13  A   A C5    1 
ATOM   271 C C6    . A   A 1 13 ? 2.504   -11.635 -1.628  1.00 71.67  ? 13  A   A C6    1 
ATOM   272 N N6    . A   A 1 13 ? 1.179   -11.471 -1.531  1.00 64.34  ? 13  A   A N6    1 
ATOM   273 N N1    . A   A 1 13 ? 3.002   -12.073 -2.801  1.00 68.01  ? 13  A   A N1    1 
ATOM   274 C C2    . A   A 1 13 ? 4.330   -12.244 -2.894  1.00 78.61  ? 13  A   A C2    1 
ATOM   275 N N3    . A   A 1 13 ? 5.304   -12.045 -1.995  1.00 85.37  ? 13  A   A N3    1 
ATOM   276 C C4    . A   A 1 13 ? 4.794   -11.608 -0.828  1.00 86.11  ? 13  A   A C4    1 
ATOM   277 P P     . A   A 1 14 ? 9.148   -6.785  0.405   1.00 102.67 ? 14  A   A P     1 
ATOM   278 O OP1   . A   A 1 14 ? 10.358  -6.158  0.995   1.00 93.40  ? 14  A   A OP1   1 
ATOM   279 O OP2   . A   A 1 14 ? 7.855   -6.106  0.665   1.00 90.55  ? 14  A   A OP2   1 
ATOM   280 O "O5'" . A   A 1 14 ? 9.332   -7.054  -1.159  1.00 85.15  ? 14  A   A "O5'" 1 
ATOM   281 C "C5'" . A   A 1 14 ? 9.927   -8.267  -1.602  1.00 80.44  ? 14  A   A "C5'" 1 
ATOM   282 C "C4'" . A   A 1 14 ? 9.218   -8.824  -2.807  1.00 76.48  ? 14  A   A "C4'" 1 
ATOM   283 O "O4'" . A   A 1 14 ? 8.120   -9.694  -2.434  1.00 72.77  ? 14  A   A "O4'" 1 
ATOM   284 C "C3'" . A   A 1 14 ? 8.554   -7.779  -3.671  1.00 79.41  ? 14  A   A "C3'" 1 
ATOM   285 O "O3'" . A   A 1 14 ? 9.501   -7.125  -4.482  1.00 85.79  ? 14  A   A "O3'" 1 
ATOM   286 C "C2'" . A   A 1 14 ? 7.504   -8.577  -4.435  1.00 74.89  ? 14  A   A "C2'" 1 
ATOM   287 O "O2'" . A   A 1 14 ? 8.105   -9.294  -5.505  1.00 70.57  ? 14  A   A "O2'" 1 
ATOM   288 C "C1'" . A   A 1 14 ? 7.061   -9.576  -3.364  1.00 71.40  ? 14  A   A "C1'" 1 
ATOM   289 N N9    . A   A 1 14 ? 5.819   -9.194  -2.648  1.00 74.23  ? 14  A   A N9    1 
ATOM   290 C C8    . A   A 1 14 ? 5.662   -9.036  -1.295  1.00 75.83  ? 14  A   A C8    1 
ATOM   291 N N7    . A   A 1 14 ? 4.456   -8.724  -0.892  1.00 69.07  ? 14  A   A N7    1 
ATOM   292 C C5    . A   A 1 14 ? 3.740   -8.659  -2.070  1.00 64.08  ? 14  A   A C5    1 
ATOM   293 C C6    . A   A 1 14 ? 2.392   -8.359  -2.318  1.00 62.16  ? 14  A   A C6    1 
ATOM   294 N N6    . A   A 1 14 ? 1.504   -8.053  -1.364  1.00 58.47  ? 14  A   A N6    1 
ATOM   295 N N1    . A   A 1 14 ? 1.980   -8.367  -3.602  1.00 60.01  ? 14  A   A N1    1 
ATOM   296 C C2    . A   A 1 14 ? 2.876   -8.661  -4.548  1.00 63.77  ? 14  A   A C2    1 
ATOM   297 N N3    . A   A 1 14 ? 4.171   -8.965  -4.438  1.00 68.70  ? 14  A   A N3    1 
ATOM   298 C C4    . A   A 1 14 ? 4.557   -8.946  -3.155  1.00 68.97  ? 14  A   A C4    1 
ATOM   299 P P     . C   A 1 15 ? 9.703   -5.583  -4.154  1.00 83.08  ? 15  C   A P     1 
ATOM   300 O OP1   . C   A 1 15 ? 11.072  -5.215  -4.608  1.00 87.64  ? 15  C   A OP1   1 
ATOM   301 O OP2   . C   A 1 15 ? 9.319   -5.411  -2.728  1.00 73.92  ? 15  C   A OP2   1 
ATOM   302 O "O5'" . C   A 1 15 ? 8.600   -4.987  -5.136  1.00 73.91  ? 15  C   A "O5'" 1 
ATOM   303 C "C5'" . C   A 1 15 ? 8.430   -5.545  -6.430  1.00 68.09  ? 15  C   A "C5'" 1 
ATOM   304 C "C4'" . C   A 1 15 ? 6.988   -5.482  -6.867  1.00 66.82  ? 15  C   A "C4'" 1 
ATOM   305 O "O4'" . C   A 1 15 ? 6.165   -6.310  -6.008  1.00 68.77  ? 15  C   A "O4'" 1 
ATOM   306 C "C3'" . C   A 1 15 ? 6.325   -4.127  -6.740  1.00 67.19  ? 15  C   A "C3'" 1 
ATOM   307 O "O3'" . C   A 1 15 ? 6.664   -3.250  -7.787  1.00 67.33  ? 15  C   A "O3'" 1 
ATOM   308 C "C2'" . C   A 1 15 ? 4.842   -4.459  -6.691  1.00 61.50  ? 15  C   A "C2'" 1 
ATOM   309 O "O2'" . C   A 1 15 ? 4.353   -4.751  -7.994  1.00 56.95  ? 15  C   A "O2'" 1 
ATOM   310 C "C1'" . C   A 1 15 ? 4.875   -5.749  -5.887  1.00 58.50  ? 15  C   A "C1'" 1 
ATOM   311 N N1    . C   A 1 15 ? 4.573   -5.612  -4.460  1.00 54.34  ? 15  C   A N1    1 
ATOM   312 C C2    . C   A 1 15 ? 3.255   -5.359  -4.097  1.00 55.88  ? 15  C   A C2    1 
ATOM   313 O O2    . C   A 1 15 ? 2.426   -5.234  -5.008  1.00 56.21  ? 15  C   A O2    1 
ATOM   314 N N3    . C   A 1 15 ? 2.925   -5.251  -2.786  1.00 51.39  ? 15  C   A N3    1 
ATOM   315 C C4    . C   A 1 15 ? 3.881   -5.408  -1.868  1.00 53.93  ? 15  C   A C4    1 
ATOM   316 N N4    . C   A 1 15 ? 3.543   -5.310  -0.585  1.00 49.56  ? 15  C   A N4    1 
ATOM   317 C C5    . C   A 1 15 ? 5.237   -5.675  -2.220  1.00 63.01  ? 15  C   A C5    1 
ATOM   318 C C6    . C   A 1 15 ? 5.541   -5.778  -3.521  1.00 61.76  ? 15  C   A C6    1 
ATOM   319 P P     . C   A 1 16 ? 6.585   -1.727  -7.350  1.00 66.29  ? 16  C   A P     1 
ATOM   320 O OP1   . C   A 1 16 ? 7.127   -1.023  -8.538  1.00 65.24  ? 16  C   A OP1   1 
ATOM   321 O OP2   . C   A 1 16 ? 7.223   -1.646  -6.002  1.00 53.92  ? 16  C   A OP2   1 
ATOM   322 O "O5'" . C   A 1 16 ? 5.022   -1.467  -7.238  1.00 56.31  ? 16  C   A "O5'" 1 
ATOM   323 C "C5'" . C   A 1 16 ? 4.228   -1.552  -8.410  1.00 56.81  ? 16  C   A "C5'" 1 
ATOM   324 C "C4'" . C   A 1 16 ? 2.832   -1.043  -8.155  1.00 55.98  ? 16  C   A "C4'" 1 
ATOM   325 O "O4'" . C   A 1 16 ? 2.199   -1.812  -7.102  1.00 55.08  ? 16  C   A "O4'" 1 
ATOM   326 C "C3'" . C   A 1 16 ? 2.732   0.368   -7.624  1.00 51.73  ? 16  C   A "C3'" 1 
ATOM   327 O "O3'" . C   A 1 16 ? 2.907   1.335   -8.629  1.00 55.09  ? 16  C   A "O3'" 1 
ATOM   328 C "C2'" . C   A 1 16 ? 1.350   0.397   -6.999  1.00 50.69  ? 16  C   A "C2'" 1 
ATOM   329 O "O2'" . C   A 1 16 ? 0.351   0.441   -8.009  1.00 51.32  ? 16  C   A "O2'" 1 
ATOM   330 C "C1'" . C   A 1 16 ? 1.315   -0.989  -6.379  1.00 49.73  ? 16  C   A "C1'" 1 
ATOM   331 N N1    . C   A 1 16 ? 1.720   -1.061  -4.975  1.00 46.25  ? 16  C   A N1    1 
ATOM   332 C C2    . C   A 1 16 ? 0.823   -0.605  -4.019  1.00 47.62  ? 16  C   A C2    1 
ATOM   333 O O2    . C   A 1 16 ? -0.252  -0.125  -4.416  1.00 47.07  ? 16  C   A O2    1 
ATOM   334 N N3    . C   A 1 16 ? 1.146   -0.689  -2.713  1.00 44.92  ? 16  C   A N3    1 
ATOM   335 C C4    . C   A 1 16 ? 2.315   -1.228  -2.381  1.00 47.98  ? 16  C   A C4    1 
ATOM   336 N N4    . C   A 1 16 ? 2.619   -1.309  -1.088  1.00 50.69  ? 16  C   A N4    1 
ATOM   337 C C5    . C   A 1 16 ? 3.243   -1.708  -3.342  1.00 48.90  ? 16  C   A C5    1 
ATOM   338 C C6    . C   A 1 16 ? 2.905   -1.614  -4.628  1.00 47.40  ? 16  C   A C6    1 
ATOM   339 P P     . C   A 1 17 ? 3.592   2.652   -8.067  1.00 55.43  ? 17  C   A P     1 
ATOM   340 O OP1   . C   A 1 17 ? 3.885   3.470   -9.273  1.00 52.31  ? 17  C   A OP1   1 
ATOM   341 O OP2   . C   A 1 17 ? 4.674   2.202   -7.153  1.00 48.57  ? 17  C   A OP2   1 
ATOM   342 O "O5'" . C   A 1 17 ? 2.400   3.276   -7.211  1.00 53.48  ? 17  C   A "O5'" 1 
ATOM   343 C "C5'" . C   A 1 17 ? 1.155   3.562   -7.835  1.00 51.01  ? 17  C   A "C5'" 1 
ATOM   344 C "C4'" . C   A 1 17 ? 0.234   4.328   -6.918  1.00 50.78  ? 17  C   A "C4'" 1 
ATOM   345 O "O4'" . C   A 1 17 ? -0.236  3.469   -5.848  1.00 50.55  ? 17  C   A "O4'" 1 
ATOM   346 C "C3'" . C   A 1 17 ? 0.853   5.500   -6.177  1.00 47.70  ? 17  C   A "C3'" 1 
ATOM   347 O "O3'" . C   A 1 17 ? 0.952   6.652   -6.980  1.00 48.95  ? 17  C   A "O3'" 1 
ATOM   348 C "C2'" . C   A 1 17 ? -0.113  5.668   -5.024  1.00 47.25  ? 17  C   A "C2'" 1 
ATOM   349 O "O2'" . C   A 1 17 ? -1.341  6.169   -5.535  1.00 48.06  ? 17  C   A "O2'" 1 
ATOM   350 C "C1'" . C   A 1 17 ? -0.346  4.210   -4.653  1.00 44.48  ? 17  C   A "C1'" 1 
ATOM   351 N N1    . C   A 1 17 ? 0.663   3.618   -3.753  1.00 45.71  ? 17  C   A N1    1 
ATOM   352 C C2    . C   A 1 17 ? 0.529   3.765   -2.374  1.00 44.59  ? 17  C   A C2    1 
ATOM   353 O O2    . C   A 1 17 ? -0.425  4.428   -1.948  1.00 43.87  ? 17  C   A O2    1 
ATOM   354 N N3    . C   A 1 17 ? 1.441   3.196   -1.547  1.00 42.98  ? 17  C   A N3    1 
ATOM   355 C C4    . C   A 1 17 ? 2.451   2.489   -2.058  1.00 43.90  ? 17  C   A C4    1 
ATOM   356 N N4    . C   A 1 17 ? 3.328   1.945   -1.215  1.00 44.07  ? 17  C   A N4    1 
ATOM   357 C C5    . C   A 1 17 ? 2.613   2.312   -3.461  1.00 45.94  ? 17  C   A C5    1 
ATOM   358 C C6    . C   A 1 17 ? 1.703   2.884   -4.263  1.00 47.93  ? 17  C   A C6    1 
ATOM   359 P P     . C   A 1 18 ? 2.012   7.776   -6.593  1.00 54.10  ? 18  C   A P     1 
ATOM   360 O OP1   . C   A 1 18 ? 1.728   8.729   -7.690  1.00 50.29  ? 18  C   A OP1   1 
ATOM   361 O OP2   . C   A 1 18 ? 3.370   7.194   -6.410  1.00 45.46  ? 18  C   A OP2   1 
ATOM   362 O "O5'" . C   A 1 18 ? 1.471   8.343   -5.208  1.00 49.58  ? 18  C   A "O5'" 1 
ATOM   363 C "C5'" . C   A 1 18 ? 0.269   9.098   -5.161  1.00 47.80  ? 18  C   A "C5'" 1 
ATOM   364 C "C4'" . C   A 1 18 ? -0.073  9.494   -3.746  1.00 48.40  ? 18  C   A "C4'" 1 
ATOM   365 O "O4'" . C   A 1 18 ? -0.273  8.295   -2.954  1.00 44.19  ? 18  C   A "O4'" 1 
ATOM   366 C "C3'" . C   A 1 18 ? 1.004   10.238  -2.969  1.00 50.42  ? 18  C   A "C3'" 1 
ATOM   367 O "O3'" . C   A 1 18 ? 1.108   11.619  -3.267  1.00 46.13  ? 18  C   A "O3'" 1 
ATOM   368 C "C2'" . C   A 1 18 ? 0.625   9.959   -1.521  1.00 48.33  ? 18  C   A "C2'" 1 
ATOM   369 O "O2'" . C   A 1 18 ? -0.474  10.760  -1.122  1.00 45.85  ? 18  C   A "O2'" 1 
ATOM   370 C "C1'" . C   A 1 18 ? 0.148   8.514   -1.626  1.00 42.82  ? 18  C   A "C1'" 1 
ATOM   371 N N1    . C   A 1 18 ? 1.251   7.606   -1.297  1.00 41.82  ? 18  C   A N1    1 
ATOM   372 C C2    . C   A 1 18 ? 1.537   7.385   0.049   1.00 41.32  ? 18  C   A C2    1 
ATOM   373 O O2    . C   A 1 18 ? 0.861   7.951   0.908   1.00 46.72  ? 18  C   A O2    1 
ATOM   374 N N3    . C   A 1 18 ? 2.548   6.567   0.393   1.00 44.77  ? 18  C   A N3    1 
ATOM   375 C C4    . C   A 1 18 ? 3.264   5.970   -0.564  1.00 43.93  ? 18  C   A C4    1 
ATOM   376 N N4    . C   A 1 18 ? 4.249   5.167   -0.177  1.00 42.88  ? 18  C   A N4    1 
ATOM   377 C C5    . C   A 1 18 ? 2.995   6.170   -1.949  1.00 43.71  ? 18  C   A C5    1 
ATOM   378 C C6    . C   A 1 18 ? 1.987   6.996   -2.273  1.00 46.10  ? 18  C   A C6    1 
ATOM   379 P P     . A   A 1 19 ? 2.598   12.210  -3.205  1.00 52.64  ? 19  A   A P     1 
ATOM   380 O OP1   . A   A 1 19 ? 2.448   13.459  -3.963  1.00 50.50  ? 19  A   A OP1   1 
ATOM   381 O OP2   . A   A 1 19 ? 3.523   11.181  -3.724  1.00 43.85  ? 19  A   A OP2   1 
ATOM   382 O "O5'" . A   A 1 19 ? 2.974   12.428  -1.664  1.00 43.86  ? 19  A   A "O5'" 1 
ATOM   383 C "C5'" . A   A 1 19 ? 2.164   13.173  -0.782  1.00 39.91  ? 19  A   A "C5'" 1 
ATOM   384 C "C4'" . A   A 1 19 ? 2.480   12.883  0.666   1.00 43.02  ? 19  A   A "C4'" 1 
ATOM   385 O "O4'" . A   A 1 19 ? 2.215   11.491  0.960   1.00 39.40  ? 19  A   A "O4'" 1 
ATOM   386 C "C3'" . A   A 1 19 ? 3.903   13.126  1.154   1.00 39.87  ? 19  A   A "C3'" 1 
ATOM   387 O "O3'" . A   A 1 19 ? 4.133   14.465  1.543   1.00 42.13  ? 19  A   A "O3'" 1 
ATOM   388 C "C2'" . A   A 1 19 ? 3.993   12.213  2.364   1.00 42.37  ? 19  A   A "C2'" 1 
ATOM   389 O "O2'" . A   A 1 19 ? 3.405   12.837  3.498   1.00 44.16  ? 19  A   A "O2'" 1 
ATOM   390 C "C1'" . A   A 1 19 ? 3.128   11.032  1.934   1.00 42.70  ? 19  A   A "C1'" 1 
ATOM   391 N N9    . A   A 1 19 ? 3.961   9.971   1.331   1.00 45.79  ? 19  A   A N9    1 
ATOM   392 C C8    . A   A 1 19 ? 4.015   9.603   0.012   1.00 43.30  ? 19  A   A C8    1 
ATOM   393 N N7    . A   A 1 19 ? 4.864   8.624   -0.205  1.00 47.62  ? 19  A   A N7    1 
ATOM   394 C C5    . A   A 1 19 ? 5.406   8.333   1.033   1.00 40.43  ? 19  A   A C5    1 
ATOM   395 C C6    . A   A 1 19 ? 6.354   7.390   1.463   1.00 43.47  ? 19  A   A C6    1 
ATOM   396 N N6    . A   A 1 19 ? 6.968   6.527   0.655   1.00 47.98  ? 19  A   A N6    1 
ATOM   397 N N1    . A   A 1 19 ? 6.677   7.361   2.772   1.00 45.37  ? 19  A   A N1    1 
ATOM   398 C C2    . A   A 1 19 ? 6.068   8.224   3.586   1.00 41.79  ? 19  A   A C2    1 
ATOM   399 N N3    . A   A 1 19 ? 5.152   9.143   3.294   1.00 42.70  ? 19  A   A N3    1 
ATOM   400 C C4    . A   A 1 19 ? 4.858   9.155   1.988   1.00 42.15  ? 19  A   A C4    1 
ATOM   401 P P     . G   A 1 20 ? 5.637   14.991  1.710   1.00 48.63  ? 20  G   A P     1 
ATOM   402 O OP1   . G   A 1 20 ? 5.589   16.470  1.724   1.00 40.79  ? 20  G   A OP1   1 
ATOM   403 O OP2   . G   A 1 20 ? 6.373   14.268  0.646   1.00 40.66  ? 20  G   A OP2   1 
ATOM   404 O "O5'" . G   A 1 20 ? 6.225   14.480  3.068   1.00 36.47  ? 20  G   A "O5'" 1 
ATOM   405 C "C5'" . G   A 1 20 ? 5.649   14.756  4.322   1.00 37.69  ? 20  G   A "C5'" 1 
ATOM   406 C "C4'" . G   A 1 20 ? 6.466   14.018  5.340   1.00 44.16  ? 20  G   A "C4'" 1 
ATOM   407 O "O4'" . G   A 1 20 ? 6.667   12.660  4.858   1.00 42.53  ? 20  G   A "O4'" 1 
ATOM   408 C "C3'" . G   A 1 20 ? 7.861   14.588  5.517   1.00 41.47  ? 20  G   A "C3'" 1 
ATOM   409 O "O3'" . G   A 1 20 ? 8.304   14.272  6.833   1.00 43.94  ? 20  G   A "O3'" 1 
ATOM   410 C "C2'" . G   A 1 20 ? 8.679   13.792  4.511   1.00 42.74  ? 20  G   A "C2'" 1 
ATOM   411 O "O2'" . G   A 1 20 ? 10.062  13.814  4.784   1.00 45.05  ? 20  G   A "O2'" 1 
ATOM   412 C "C1'" . G   A 1 20 ? 8.055   12.411  4.699   1.00 43.31  ? 20  G   A "C1'" 1 
ATOM   413 N N9    . G   A 1 20 ? 8.251   11.413  3.627   1.00 44.87  ? 20  G   A N9    1 
ATOM   414 C C8    . G   A 1 20 ? 7.616   11.355  2.403   1.00 45.26  ? 20  G   A C8    1 
ATOM   415 N N7    . G   A 1 20 ? 7.967   10.335  1.663   1.00 40.83  ? 20  G   A N7    1 
ATOM   416 C C5    . G   A 1 20 ? 8.883   9.654   2.447   1.00 39.39  ? 20  G   A C5    1 
ATOM   417 C C6    . G   A 1 20 ? 9.609   8.466   2.173   1.00 43.60  ? 20  G   A C6    1 
ATOM   418 O O6    . G   A 1 20 ? 9.588   7.752   1.149   1.00 44.49  ? 20  G   A O6    1 
ATOM   419 N N1    . G   A 1 20 ? 10.430  8.123   3.235   1.00 39.00  ? 20  G   A N1    1 
ATOM   420 C C2    . G   A 1 20 ? 10.548  8.817   4.395   1.00 40.99  ? 20  G   A C2    1 
ATOM   421 N N2    . G   A 1 20 ? 11.399  8.310   5.297   1.00 40.59  ? 20  G   A N2    1 
ATOM   422 N N3    . G   A 1 20 ? 9.878   9.925   4.660   1.00 45.46  ? 20  G   A N3    1 
ATOM   423 C C4    . G   A 1 20 ? 9.064   10.291  3.653   1.00 41.10  ? 20  G   A C4    1 
ATOM   424 P P     . U   A 1 21 ? 8.364   15.452  7.914   1.00 48.85  ? 21  U   A P     1 
ATOM   425 O OP1   . U   A 1 21 ? 7.181   16.280  7.579   1.00 46.13  ? 21  U   A OP1   1 
ATOM   426 O OP2   . U   A 1 21 ? 9.742   16.000  7.862   1.00 48.85  ? 21  U   A OP2   1 
ATOM   427 O "O5'" . U   A 1 21 ? 8.124   14.754  9.303   1.00 41.52  ? 21  U   A "O5'" 1 
ATOM   428 C "C5'" . U   A 1 21 ? 6.850   14.176  9.523   1.00 47.47  ? 21  U   A "C5'" 1 
ATOM   429 C "C4'" . U   A 1 21 ? 6.889   13.344  10.770  1.00 50.85  ? 21  U   A "C4'" 1 
ATOM   430 O "O4'" . U   A 1 21 ? 7.474   12.047  10.464  1.00 53.45  ? 21  U   A "O4'" 1 
ATOM   431 C "C3'" . U   A 1 21 ? 7.743   13.951  11.873  1.00 47.36  ? 21  U   A "C3'" 1 
ATOM   432 O "O3'" . U   A 1 21 ? 7.201   13.534  13.114  1.00 51.98  ? 21  U   A "O3'" 1 
ATOM   433 C "C2'" . U   A 1 21 ? 9.085   13.260  11.670  1.00 50.18  ? 21  U   A "C2'" 1 
ATOM   434 O "O2'" . U   A 1 21 ? 9.897   13.216  12.821  1.00 55.13  ? 21  U   A "O2'" 1 
ATOM   435 C "C1'" . U   A 1 21 ? 8.641   11.862  11.245  1.00 53.53  ? 21  U   A "C1'" 1 
ATOM   436 N N1    . U   A 1 21 ? 9.658   11.219  10.393  1.00 54.97  ? 21  U   A N1    1 
ATOM   437 C C2    . U   A 1 21 ? 10.427  10.185  10.901  1.00 55.06  ? 21  U   A C2    1 
ATOM   438 O O2    . U   A 1 21 ? 10.318  9.755   12.039  1.00 58.28  ? 21  U   A O2    1 
ATOM   439 N N3    . U   A 1 21 ? 11.341  9.673   10.023  1.00 50.00  ? 21  U   A N3    1 
ATOM   440 C C4    . U   A 1 21 ? 11.549  10.089  8.725   1.00 53.91  ? 21  U   A C4    1 
ATOM   441 O O4    . U   A 1 21 ? 12.405  9.542   8.033   1.00 61.67  ? 21  U   A O4    1 
ATOM   442 C C5    . U   A 1 21 ? 10.715  11.154  8.279   1.00 52.86  ? 21  U   A C5    1 
ATOM   443 C C6    . U   A 1 21 ? 9.819   11.673  9.111   1.00 52.37  ? 21  U   A C6    1 
ATOM   444 P P     . U   A 1 22 ? 6.777   14.600  14.220  1.00 59.99  ? 22  U   A P     1 
ATOM   445 O OP1   . U   A 1 22 ? 7.730   15.737  14.094  1.00 56.67  ? 22  U   A OP1   1 
ATOM   446 O OP2   . U   A 1 22 ? 6.747   13.789  15.466  1.00 57.77  ? 22  U   A OP2   1 
ATOM   447 O "O5'" . U   A 1 22 ? 5.315   15.055  13.766  1.00 48.00  ? 22  U   A "O5'" 1 
ATOM   448 C "C5'" . U   A 1 22 ? 4.343   14.124  13.307  1.00 49.08  ? 22  U   A "C5'" 1 
ATOM   449 C "C4'" . U   A 1 22 ? 3.135   14.797  12.698  1.00 46.92  ? 22  U   A "C4'" 1 
ATOM   450 O "O4'" . U   A 1 22 ? 2.988   16.138  13.226  1.00 46.66  ? 22  U   A "O4'" 1 
ATOM   451 C "C3'" . U   A 1 22 ? 3.137   14.960  11.185  1.00 46.85  ? 22  U   A "C3'" 1 
ATOM   452 O "O3'" . U   A 1 22 ? 1.805   14.795  10.725  1.00 48.53  ? 22  U   A "O3'" 1 
ATOM   453 C "C2'" . U   A 1 22 ? 3.530   16.414  10.955  1.00 43.51  ? 22  U   A "C2'" 1 
ATOM   454 O "O2'" . U   A 1 22 ? 2.959   16.928  9.773   1.00 46.13  ? 22  U   A "O2'" 1 
ATOM   455 C "C1'" . U   A 1 22 ? 2.922   17.083  12.178  1.00 42.93  ? 22  U   A "C1'" 1 
ATOM   456 N N1    . U   A 1 22 ? 3.643   18.263  12.706  1.00 45.86  ? 22  U   A N1    1 
ATOM   457 C C2    . U   A 1 22 ? 3.149   19.527  12.441  1.00 45.74  ? 22  U   A C2    1 
ATOM   458 O O2    . U   A 1 22 ? 2.164   19.698  11.755  1.00 47.60  ? 22  U   A O2    1 
ATOM   459 N N3    . U   A 1 22 ? 3.851   20.578  12.990  1.00 44.48  ? 22  U   A N3    1 
ATOM   460 C C4    . U   A 1 22 ? 4.977   20.487  13.781  1.00 46.34  ? 22  U   A C4    1 
ATOM   461 O O4    . U   A 1 22 ? 5.519   21.505  14.212  1.00 46.55  ? 22  U   A O4    1 
ATOM   462 C C5    . U   A 1 22 ? 5.415   19.150  14.027  1.00 45.22  ? 22  U   A C5    1 
ATOM   463 C C6    . U   A 1 22 ? 4.752   18.114  13.498  1.00 46.03  ? 22  U   A C6    1 
ATOM   464 P P     . A   A 1 23 ? 1.308   13.299  10.484  1.00 47.27  ? 23  A   A P     1 
ATOM   465 O OP1   . A   A 1 23 ? -0.066  13.415  9.919   1.00 42.95  ? 23  A   A OP1   1 
ATOM   466 O OP2   . A   A 1 23 ? 1.603   12.532  11.721  1.00 44.67  ? 23  A   A OP2   1 
ATOM   467 O "O5'" . A   A 1 23 ? 2.316   12.829  9.365   1.00 47.02  ? 23  A   A "O5'" 1 
ATOM   468 C "C5'" . A   A 1 23 ? 2.354   13.556  8.152   1.00 48.61  ? 23  A   A "C5'" 1 
ATOM   469 C "C4'" . A   A 1 23 ? 2.962   12.717  7.069   1.00 45.17  ? 23  A   A "C4'" 1 
ATOM   470 O "O4'" . A   A 1 23 ? 4.338   12.426  7.408   1.00 46.25  ? 23  A   A "O4'" 1 
ATOM   471 C "C3'" . A   A 1 23 ? 2.280   11.379  6.869   1.00 40.58  ? 23  A   A "C3'" 1 
ATOM   472 O "O3'" . A   A 1 23 ? 1.266   11.531  5.898   1.00 41.74  ? 23  A   A "O3'" 1 
ATOM   473 C "C2'" . A   A 1 23 ? 3.411   10.517  6.366   1.00 39.66  ? 23  A   A "C2'" 1 
ATOM   474 O "O2'" . A   A 1 23 ? 3.554   10.800  4.986   1.00 44.27  ? 23  A   A "O2'" 1 
ATOM   475 C "C1'" . A   A 1 23 ? 4.636   11.099  7.067   1.00 40.31  ? 23  A   A "C1'" 1 
ATOM   476 N N9    . A   A 1 23 ? 5.039   10.435  8.317   1.00 43.40  ? 23  A   A N9    1 
ATOM   477 C C8    . A   A 1 23 ? 4.376   10.404  9.512   1.00 46.99  ? 23  A   A C8    1 
ATOM   478 N N7    . A   A 1 23 ? 5.027   9.762   10.456  1.00 47.50  ? 23  A   A N7    1 
ATOM   479 C C5    . A   A 1 23 ? 6.205   9.361   9.846   1.00 45.22  ? 23  A   A C5    1 
ATOM   480 C C6    . A   A 1 23 ? 7.319   8.638   10.306  1.00 47.89  ? 23  A   A C6    1 
ATOM   481 N N6    . A   A 1 23 ? 7.447   8.162   11.546  1.00 52.12  ? 23  A   A N6    1 
ATOM   482 N N1    . A   A 1 23 ? 8.327   8.409   9.445   1.00 46.71  ? 23  A   A N1    1 
ATOM   483 C C2    . A   A 1 23 ? 8.206   8.873   8.203   1.00 46.91  ? 23  A   A C2    1 
ATOM   484 N N3    . A   A 1 23 ? 7.214   9.559   7.650   1.00 45.79  ? 23  A   A N3    1 
ATOM   485 C C4    . A   A 1 23 ? 6.230   9.778   8.535   1.00 46.60  ? 23  A   A C4    1 
ATOM   486 P P     . A   A 1 24 ? 0.031   10.545  5.637   1.00 53.43  ? 24  A   A P     1 
ATOM   487 O OP1   . A   A 1 24 ? -0.415  10.005  6.947   1.00 48.87  ? 24  A   A OP1   1 
ATOM   488 O OP2   . A   A 1 24 ? 0.410   9.636   4.528   1.00 49.82  ? 24  A   A OP2   1 
ATOM   489 O "O5'" . A   A 1 24 ? -1.038  11.581  5.085   1.00 45.63  ? 24  A   A "O5'" 1 
ATOM   490 C "C5'" . A   A 1 24 ? -1.307  12.745  5.851   1.00 45.92  ? 24  A   A "C5'" 1 
ATOM   491 C "C4'" . A   A 1 24 ? -2.280  13.666  5.166   1.00 43.22  ? 24  A   A "C4'" 1 
ATOM   492 O "O4'" . A   A 1 24 ? -1.633  14.387  4.091   1.00 42.82  ? 24  A   A "O4'" 1 
ATOM   493 C "C3'" . A   A 1 24 ? -3.455  13.000  4.487   1.00 45.98  ? 24  A   A "C3'" 1 
ATOM   494 O "O3'" . A   A 1 24 ? -4.460  12.648  5.413   1.00 52.42  ? 24  A   A "O3'" 1 
ATOM   495 C "C2'" . A   A 1 24 ? -3.903  14.045  3.483   1.00 43.61  ? 24  A   A "C2'" 1 
ATOM   496 O "O2'" . A   A 1 24 ? -4.675  15.028  4.150   1.00 51.65  ? 24  A   A "O2'" 1 
ATOM   497 C "C1'" . A   A 1 24 ? -2.577  14.688  3.091   1.00 40.50  ? 24  A   A "C1'" 1 
ATOM   498 N N9    . A   A 1 24 ? -2.057  14.214  1.806   1.00 41.42  ? 24  A   A N9    1 
ATOM   499 C C8    . A   A 1 24 ? -1.042  13.329  1.607   1.00 42.65  ? 24  A   A C8    1 
ATOM   500 N N7    . A   A 1 24 ? -0.788  13.095  0.343   1.00 44.49  ? 24  A   A N7    1 
ATOM   501 C C5    . A   A 1 24 ? -1.692  13.888  -0.334  1.00 45.98  ? 24  A   A C5    1 
ATOM   502 C C6    . A   A 1 24 ? -1.923  14.090  -1.706  1.00 46.28  ? 24  A   A C6    1 
ATOM   503 N N6    . A   A 1 24 ? -1.230  13.494  -2.679  1.00 46.22  ? 24  A   A N6    1 
ATOM   504 N N1    . A   A 1 24 ? -2.903  14.960  -2.042  1.00 52.13  ? 24  A   A N1    1 
ATOM   505 C C2    . A   A 1 24 ? -3.585  15.568  -1.055  1.00 47.76  ? 24  A   A C2    1 
ATOM   506 N N3    . A   A 1 24 ? -3.453  15.461  0.269   1.00 44.76  ? 24  A   A N3    1 
ATOM   507 C C4    . A   A 1 24 ? -2.473  14.598  0.564   1.00 46.97  ? 24  A   A C4    1 
ATOM   508 P P     . C   A 1 25 ? -5.380  11.388  5.059   1.00 52.77  ? 25  C   A P     1 
ATOM   509 O OP1   . C   A 1 25 ? -6.334  11.295  6.199   1.00 47.13  ? 25  C   A OP1   1 
ATOM   510 O OP2   . C   A 1 25 ? -4.435  10.261  4.830   1.00 56.63  ? 25  C   A OP2   1 
ATOM   511 O "O5'" . C   A 1 25 ? -6.110  11.848  3.718   1.00 40.32  ? 25  C   A "O5'" 1 
ATOM   512 C "C5'" . C   A 1 25 ? -7.249  12.667  3.918   1.00 47.72  ? 25  C   A "C5'" 1 
ATOM   513 C "C4'" . C   A 1 25 ? -7.755  13.268  2.636   1.00 50.84  ? 25  C   A "C4'" 1 
ATOM   514 O "O4'" . C   A 1 25 ? -6.636  13.758  1.854   1.00 53.36  ? 25  C   A "O4'" 1 
ATOM   515 C "C3'" . C   A 1 25 ? -8.449  12.315  1.684   1.00 55.07  ? 25  C   A "C3'" 1 
ATOM   516 O "O3'" . C   A 1 25 ? -9.784  12.039  2.047   1.00 60.38  ? 25  C   A "O3'" 1 
ATOM   517 C "C2'" . C   A 1 25 ? -8.327  13.021  0.345   1.00 53.62  ? 25  C   A "C2'" 1 
ATOM   518 O "O2'" . C   A 1 25 ? -9.332  14.007  0.203   1.00 53.29  ? 25  C   A "O2'" 1 
ATOM   519 C "C1'" . C   A 1 25 ? -6.960  13.694  0.481   1.00 51.45  ? 25  C   A "C1'" 1 
ATOM   520 N N1    . C   A 1 25 ? -5.934  12.944  -0.266  1.00 53.09  ? 25  C   A N1    1 
ATOM   521 C C2    . C   A 1 25 ? -6.061  12.948  -1.657  1.00 55.50  ? 25  C   A C2    1 
ATOM   522 O O2    . C   A 1 25 ? -7.016  13.582  -2.138  1.00 59.18  ? 25  C   A O2    1 
ATOM   523 N N3    . C   A 1 25 ? -5.164  12.278  -2.422  1.00 49.93  ? 25  C   A N3    1 
ATOM   524 C C4    . C   A 1 25 ? -4.161  11.620  -1.825  1.00 52.46  ? 25  C   A C4    1 
ATOM   525 N N4    . C   A 1 25 ? -3.284  10.960  -2.603  1.00 52.80  ? 25  C   A N4    1 
ATOM   526 C C5    . C   A 1 25 ? -4.013  11.607  -0.401  1.00 48.35  ? 25  C   A C5    1 
ATOM   527 C C6    . C   A 1 25 ? -4.914  12.271  0.342   1.00 49.56  ? 25  C   A C6    1 
ATOM   528 P P     . A   A 1 26 ? -10.191 10.485  2.038   1.00 69.82  ? 26  A   A P     1 
ATOM   529 O OP1   . A   A 1 26 ? -11.670 10.377  1.919   1.00 64.18  ? 26  A   A OP1   1 
ATOM   530 O OP2   . A   A 1 26 ? -9.502  9.882   3.219   1.00 54.80  ? 26  A   A OP2   1 
ATOM   531 O "O5'" . A   A 1 26 ? -9.540  10.029  0.660   1.00 55.19  ? 26  A   A "O5'" 1 
ATOM   532 C "C5'" . A   A 1 26 ? -10.364 9.656   -0.434  1.00 56.94  ? 26  A   A "C5'" 1 
ATOM   533 C "C4'" . A   A 1 26 ? -9.685  9.944   -1.747  1.00 58.27  ? 26  A   A "C4'" 1 
ATOM   534 O "O4'" . A   A 1 26 ? -8.279  10.203  -1.530  1.00 58.39  ? 26  A   A "O4'" 1 
ATOM   535 C "C3'" . A   A 1 26 ? -9.703  8.822   -2.765  1.00 58.88  ? 26  A   A "C3'" 1 
ATOM   536 O "O3'" . A   A 1 26 ? -10.904 8.825   -3.505  1.00 63.38  ? 26  A   A "O3'" 1 
ATOM   537 C "C2'" . A   A 1 26 ? -8.480  9.098   -3.629  1.00 57.75  ? 26  A   A "C2'" 1 
ATOM   538 O "O2'" . A   A 1 26 ? -8.794  10.045  -4.636  1.00 62.12  ? 26  A   A "O2'" 1 
ATOM   539 C "C1'" . A   A 1 26 ? -7.533  9.761   -2.635  1.00 51.63  ? 26  A   A "C1'" 1 
ATOM   540 N N9    . A   A 1 26 ? -6.441  8.903   -2.148  1.00 52.32  ? 26  A   A N9    1 
ATOM   541 C C8    . A   A 1 26 ? -6.152  8.547   -0.853  1.00 50.57  ? 26  A   A C8    1 
ATOM   542 N N7    . A   A 1 26 ? -5.076  7.805   -0.752  1.00 48.42  ? 26  A   A N7    1 
ATOM   543 C C5    . A   A 1 26 ? -4.632  7.679   -2.061  1.00 44.92  ? 26  A   A C5    1 
ATOM   544 C C6    . A   A 1 26 ? -3.542  7.012   -2.637  1.00 45.92  ? 26  A   A C6    1 
ATOM   545 N N6    . A   A 1 26 ? -2.648  6.313   -1.938  1.00 46.47  ? 26  A   A N6    1 
ATOM   546 N N1    . A   A 1 26 ? -3.390  7.084   -3.975  1.00 44.48  ? 26  A   A N1    1 
ATOM   547 C C2    . A   A 1 26 ? -4.284  7.781   -4.678  1.00 47.78  ? 26  A   A C2    1 
ATOM   548 N N3    . A   A 1 26 ? -5.349  8.451   -4.255  1.00 50.22  ? 26  A   A N3    1 
ATOM   549 C C4    . A   A 1 26 ? -5.461  8.357   -2.925  1.00 48.73  ? 26  A   A C4    1 
ATOM   550 P P     . A   A 1 27 ? -11.511 7.429   -3.963  1.00 73.91  ? 27  A   A P     1 
ATOM   551 O OP1   . A   A 1 27 ? -12.786 7.733   -4.667  1.00 65.76  ? 27  A   A OP1   1 
ATOM   552 O OP2   . A   A 1 27 ? -11.493 6.536   -2.768  1.00 67.53  ? 27  A   A OP2   1 
ATOM   553 O "O5'" . A   A 1 27 ? -10.401 6.975   -4.997  1.00 65.49  ? 27  A   A "O5'" 1 
ATOM   554 C "C5'" . A   A 1 27 ? -10.091 7.787   -6.115  1.00 64.81  ? 27  A   A "C5'" 1 
ATOM   555 C "C4'" . A   A 1 27 ? -9.036  7.100   -6.936  1.00 67.97  ? 27  A   A "C4'" 1 
ATOM   556 O "O4'" . A   A 1 27 ? -7.752  7.207   -6.270  1.00 67.73  ? 27  A   A "O4'" 1 
ATOM   557 C "C3'" . A   A 1 27 ? -9.254  5.606   -7.087  1.00 67.68  ? 27  A   A "C3'" 1 
ATOM   558 O "O3'" . A   A 1 27 ? -10.150 5.309   -8.142  1.00 75.94  ? 27  A   A "O3'" 1 
ATOM   559 C "C2'" . A   A 1 27 ? -7.847  5.073   -7.304  1.00 64.61  ? 27  A   A "C2'" 1 
ATOM   560 O "O2'" . A   A 1 27 ? -7.444  5.299   -8.645  1.00 69.83  ? 27  A   A "O2'" 1 
ATOM   561 C "C1'" . A   A 1 27 ? -7.028  6.005   -6.414  1.00 58.89  ? 27  A   A "C1'" 1 
ATOM   562 N N9    . A   A 1 27 ? -6.772  5.474   -5.065  1.00 51.95  ? 27  A   A N9    1 
ATOM   563 C C8    . A   A 1 27 ? -7.541  5.656   -3.949  1.00 55.37  ? 27  A   A C8    1 
ATOM   564 N N7    . A   A 1 27 ? -7.042  5.088   -2.878  1.00 54.60  ? 27  A   A N7    1 
ATOM   565 C C5    . A   A 1 27 ? -5.868  4.504   -3.314  1.00 44.47  ? 27  A   A C5    1 
ATOM   566 C C6    . A   A 1 27 ? -4.877  3.761   -2.654  1.00 44.86  ? 27  A   A C6    1 
ATOM   567 N N6    . A   A 1 27 ? -4.914  3.452   -1.357  1.00 44.43  ? 27  A   A N6    1 
ATOM   568 N N1    . A   A 1 27 ? -3.822  3.330   -3.379  1.00 45.96  ? 27  A   A N1    1 
ATOM   569 C C2    . A   A 1 27 ? -3.775  3.632   -4.683  1.00 46.30  ? 27  A   A C2    1 
ATOM   570 N N3    . A   A 1 27 ? -4.646  4.324   -5.413  1.00 51.30  ? 27  A   A N3    1 
ATOM   571 C C4    . A   A 1 27 ? -5.681  4.743   -4.658  1.00 49.70  ? 27  A   A C4    1 
ATOM   572 P P     . A   A 1 28 ? -10.873 3.877   -8.200  1.00 83.15  ? 28  A   A P     1 
ATOM   573 O OP1   . A   A 1 28 ? -12.094 4.010   -9.035  1.00 67.12  ? 28  A   A OP1   1 
ATOM   574 O OP2   . A   A 1 28 ? -10.984 3.417   -6.785  1.00 73.88  ? 28  A   A OP2   1 
ATOM   575 O "O5'" . A   A 1 28 ? -9.786  3.023   -8.990  1.00 79.45  ? 28  A   A "O5'" 1 
ATOM   576 C "C5'" . A   A 1 28 ? -9.369  3.369   -10.309 1.00 74.73  ? 28  A   A "C5'" 1 
ATOM   577 C "C4'" . A   A 1 28 ? -8.543  2.262   -10.925 1.00 76.53  ? 28  A   A "C4'" 1 
ATOM   578 O "O4'" . A   A 1 28 ? -7.256  2.166   -10.246 1.00 72.82  ? 28  A   A "O4'" 1 
ATOM   579 C "C3'" . A   A 1 28 ? -9.166  0.867   -10.850 1.00 74.01  ? 28  A   A "C3'" 1 
ATOM   580 O "O3'" . A   A 1 28 ? -8.781  0.122   -12.004 1.00 82.00  ? 28  A   A "O3'" 1 
ATOM   581 C "C2'" . A   A 1 28 ? -8.487  0.280   -9.618  1.00 69.68  ? 28  A   A "C2'" 1 
ATOM   582 O "O2'" . A   A 1 28 ? -8.473  -1.132  -9.517  1.00 71.51  ? 28  A   A "O2'" 1 
ATOM   583 C "C1'" . A   A 1 28 ? -7.084  0.842   -9.792  1.00 64.39  ? 28  A   A "C1'" 1 
ATOM   584 N N9    . A   A 1 28 ? -6.311  0.789   -8.556  1.00 60.13  ? 28  A   A N9    1 
ATOM   585 C C8    . A   A 1 28 ? -6.786  0.748   -7.267  1.00 58.59  ? 28  A   A C8    1 
ATOM   586 N N7    . A   A 1 28 ? -5.831  0.647   -6.369  1.00 56.29  ? 28  A   A N7    1 
ATOM   587 C C5    . A   A 1 28 ? -4.663  0.598   -7.126  1.00 53.08  ? 28  A   A C5    1 
ATOM   588 C C6    . A   A 1 28 ? -3.306  0.490   -6.782  1.00 48.70  ? 28  A   A C6    1 
ATOM   589 N N6    . A   A 1 28 ? -2.863  0.396   -5.535  1.00 49.63  ? 28  A   A N6    1 
ATOM   590 N N1    . A   A 1 28 ? -2.396  0.479   -7.773  1.00 50.56  ? 28  A   A N1    1 
ATOM   591 C C2    . A   A 1 28 ? -2.835  0.559   -9.036  1.00 56.14  ? 28  A   A C2    1 
ATOM   592 N N3    . A   A 1 28 ? -4.081  0.662   -9.495  1.00 56.61  ? 28  A   A N3    1 
ATOM   593 C C4    . A   A 1 28 ? -4.952  0.675   -8.474  1.00 55.69  ? 28  A   A C4    1 
ATOM   594 P P     . A   A 1 29 ? -9.304  -1.387  -12.236 1.00 87.38  ? 29  A   A P     1 
ATOM   595 O OP1   . A   A 1 29 ? -9.653  -1.335  -13.679 1.00 79.16  ? 29  A   A OP1   1 
ATOM   596 O OP2   . A   A 1 29 ? -10.357 -1.748  -11.251 1.00 75.29  ? 29  A   A OP2   1 
ATOM   597 O "O5'" . A   A 1 29 ? -8.004  -2.274  -11.966 1.00 71.48  ? 29  A   A "O5'" 1 
ATOM   598 C "C5'" . A   A 1 29 ? -7.254  -2.662  -13.103 1.00 69.82  ? 29  A   A "C5'" 1 
ATOM   599 C "C4'" . A   A 1 29 ? -5.789  -2.868  -12.816 1.00 66.60  ? 29  A   A "C4'" 1 
ATOM   600 O "O4'" . A   A 1 29 ? -5.304  -1.894  -11.857 1.00 68.35  ? 29  A   A "O4'" 1 
ATOM   601 C "C3'" . A   A 1 29 ? -5.368  -4.192  -12.199 1.00 67.06  ? 29  A   A "C3'" 1 
ATOM   602 O "O3'" . A   A 1 29 ? -5.407  -5.279  -13.109 1.00 71.04  ? 29  A   A "O3'" 1 
ATOM   603 C "C2'" . A   A 1 29 ? -3.962  -3.841  -11.734 1.00 63.17  ? 29  A   A "C2'" 1 
ATOM   604 O "O2'" . A   A 1 29 ? -3.079  -3.748  -12.840 1.00 65.81  ? 29  A   A "O2'" 1 
ATOM   605 C "C1'" . A   A 1 29 ? -4.184  -2.434  -11.187 1.00 59.63  ? 29  A   A "C1'" 1 
ATOM   606 N N9    . A   A 1 29 ? -4.445  -2.506  -9.743  1.00 56.30  ? 29  A   A N9    1 
ATOM   607 C C8    . A   A 1 29 ? -5.641  -2.474  -9.070  1.00 59.50  ? 29  A   A C8    1 
ATOM   608 N N7    . A   A 1 29 ? -5.493  -2.580  -7.766  1.00 57.53  ? 29  A   A N7    1 
ATOM   609 C C5    . A   A 1 29 ? -4.120  -2.701  -7.584  1.00 51.55  ? 29  A   A C5    1 
ATOM   610 C C6    . A   A 1 29 ? -3.317  -2.856  -6.441  1.00 52.44  ? 29  A   A C6    1 
ATOM   611 N N6    . A   A 1 29 ? -3.810  -2.913  -5.199  1.00 51.82  ? 29  A   A N6    1 
ATOM   612 N N1    . A   A 1 29 ? -1.980  -2.949  -6.613  1.00 47.17  ? 29  A   A N1    1 
ATOM   613 C C2    . A   A 1 29 ? -1.501  -2.880  -7.856  1.00 50.30  ? 29  A   A C2    1 
ATOM   614 N N3    . A   A 1 29 ? -2.153  -2.739  -9.008  1.00 52.09  ? 29  A   A N3    1 
ATOM   615 C C4    . A   A 1 29 ? -3.470  -2.657  -8.796  1.00 50.84  ? 29  A   A C4    1 
ATOM   616 P P     . C   A 1 30 ? -5.609  -6.800  -12.612 1.00 74.14  ? 30  C   A P     1 
ATOM   617 O OP1   . C   A 1 30 ? -5.687  -7.504  -13.914 1.00 76.68  ? 30  C   A OP1   1 
ATOM   618 O OP2   . C   A 1 30 ? -6.763  -6.905  -11.679 1.00 57.00  ? 30  C   A OP2   1 
ATOM   619 O "O5'" . C   A 1 30 ? -4.242  -7.156  -11.867 1.00 59.15  ? 30  C   A "O5'" 1 
ATOM   620 C "C5'" . C   A 1 30 ? -2.995  -7.010  -12.526 1.00 53.73  ? 30  C   A "C5'" 1 
ATOM   621 C "C4'" . C   A 1 30 ? -1.851  -7.165  -11.559 1.00 58.11  ? 30  C   A "C4'" 1 
ATOM   622 O "O4'" . C   A 1 30 ? -1.850  -6.063  -10.615 1.00 63.45  ? 30  C   A "O4'" 1 
ATOM   623 C "C3'" . C   A 1 30 ? -1.885  -8.396  -10.667 1.00 59.13  ? 30  C   A "C3'" 1 
ATOM   624 O "O3'" . C   A 1 30 ? -1.408  -9.554  -11.323 1.00 64.80  ? 30  C   A "O3'" 1 
ATOM   625 C "C2'" . C   A 1 30 ? -1.014  -7.976  -9.490  1.00 56.90  ? 30  C   A "C2'" 1 
ATOM   626 O "O2'" . C   A 1 30 ? 0.357   -8.035  -9.850  1.00 55.99  ? 30  C   A "O2'" 1 
ATOM   627 C "C1'" . C   A 1 30 ? -1.404  -6.505  -9.350  1.00 56.57  ? 30  C   A "C1'" 1 
ATOM   628 N N1    . C   A 1 30 ? -2.505  -6.288  -8.390  1.00 53.89  ? 30  C   A N1    1 
ATOM   629 C C2    . C   A 1 30 ? -2.223  -6.344  -7.021  1.00 51.39  ? 30  C   A C2    1 
ATOM   630 O O2    . C   A 1 30 ? -1.063  -6.585  -6.653  1.00 53.76  ? 30  C   A O2    1 
ATOM   631 N N3    . C   A 1 30 ? -3.214  -6.144  -6.136  1.00 45.97  ? 30  C   A N3    1 
ATOM   632 C C4    . C   A 1 30 ? -4.439  -5.887  -6.590  1.00 50.75  ? 30  C   A C4    1 
ATOM   633 N N4    . C   A 1 30 ? -5.395  -5.688  -5.682  1.00 52.78  ? 30  C   A N4    1 
ATOM   634 C C5    . C   A 1 30 ? -4.758  -5.814  -7.977  1.00 50.38  ? 30  C   A C5    1 
ATOM   635 C C6    . C   A 1 30 ? -3.766  -6.018  -8.840  1.00 52.16  ? 30  C   A C6    1 
ATOM   636 P P     . A   A 1 31 ? -1.845  -11.034 -10.874 1.00 63.67  ? 31  A   A P     1 
ATOM   637 O OP1   . A   A 1 31 ? -1.195  -11.835 -11.934 1.00 66.70  ? 31  A   A OP1   1 
ATOM   638 O OP2   . A   A 1 31 ? -3.315  -11.134 -10.660 1.00 57.44  ? 31  A   A OP2   1 
ATOM   639 O "O5'" . A   A 1 31 ? -1.061  -11.238 -9.520  1.00 52.84  ? 31  A   A "O5'" 1 
ATOM   640 C "C5'" . A   A 1 31 ? 0.350   -11.147 -9.558  1.00 52.59  ? 31  A   A "C5'" 1 
ATOM   641 C "C4'" . A   A 1 31 ? 0.875   -11.401 -8.179  1.00 56.06  ? 31  A   A "C4'" 1 
ATOM   642 O "O4'" . A   A 1 31 ? 0.492   -10.300 -7.328  1.00 58.07  ? 31  A   A "O4'" 1 
ATOM   643 C "C3'" . A   A 1 31 ? 0.269   -12.617 -7.506  1.00 60.23  ? 31  A   A "C3'" 1 
ATOM   644 O "O3'" . A   A 1 31 ? 0.971   -13.785 -7.874  1.00 65.94  ? 31  A   A "O3'" 1 
ATOM   645 C "C2'" . A   A 1 31 ? 0.353   -12.291 -6.020  1.00 57.25  ? 31  A   A "C2'" 1 
ATOM   646 O "O2'" . A   A 1 31 ? 1.654   -12.559 -5.515  1.00 61.13  ? 31  A   A "O2'" 1 
ATOM   647 C "C1'" . A   A 1 31 ? 0.175   -10.779 -6.042  1.00 54.29  ? 31  A   A "C1'" 1 
ATOM   648 N N9    . A   A 1 31 ? -1.172  -10.296 -5.708  1.00 50.77  ? 31  A   A N9    1 
ATOM   649 C C8    . A   A 1 31 ? -2.116  -9.788  -6.568  1.00 52.60  ? 31  A   A C8    1 
ATOM   650 N N7    . A   A 1 31 ? -3.210  -9.379  -5.963  1.00 51.15  ? 31  A   A N7    1 
ATOM   651 C C5    . A   A 1 31 ? -2.943  -9.621  -4.622  1.00 45.05  ? 31  A   A C5    1 
ATOM   652 C C6    . A   A 1 31 ? -3.700  -9.399  -3.473  1.00 44.35  ? 31  A   A C6    1 
ATOM   653 N N6    . A   A 1 31 ? -4.924  -8.872  -3.491  1.00 46.13  ? 31  A   A N6    1 
ATOM   654 N N1    . A   A 1 31 ? -3.147  -9.753  -2.299  1.00 44.62  ? 31  A   A N1    1 
ATOM   655 C C2    . A   A 1 31 ? -1.914  -10.283 -2.284  1.00 45.26  ? 31  A   A C2    1 
ATOM   656 N N3    . A   A 1 31 ? -1.097  -10.530 -3.293  1.00 47.21  ? 31  A   A N3    1 
ATOM   657 C C4    . A   A 1 31 ? -1.689  -10.172 -4.446  1.00 46.83  ? 31  A   A C4    1 
ATOM   658 P P     . A   A 1 32 ? 0.392   -15.253 -7.644  1.00 61.85  ? 32  A   A P     1 
ATOM   659 O OP1   . A   A 1 32 ? 0.740   -15.942 -8.905  1.00 69.01  ? 32  A   A OP1   1 
ATOM   660 O OP2   . A   A 1 32 ? -1.031  -15.175 -7.208  1.00 60.54  ? 32  A   A OP2   1 
ATOM   661 O "O5'" . A   A 1 32 ? 1.371   -15.775 -6.512  1.00 58.50  ? 32  A   A "O5'" 1 
ATOM   662 C "C5'" . A   A 1 32 ? 2.767   -15.662 -6.734  1.00 61.03  ? 32  A   A "C5'" 1 
ATOM   663 C "C4'" . A   A 1 32 ? 3.505   -16.025 -5.479  1.00 66.73  ? 32  A   A "C4'" 1 
ATOM   664 O "O4'" . A   A 1 32 ? 3.388   -14.955 -4.508  1.00 72.36  ? 32  A   A "O4'" 1 
ATOM   665 C "C3'" . A   A 1 32 ? 2.915   -17.222 -4.767  1.00 68.76  ? 32  A   A "C3'" 1 
ATOM   666 O "O3'" . A   A 1 32 ? 3.366   -18.440 -5.322  1.00 75.99  ? 32  A   A "O3'" 1 
ATOM   667 C "C2'" . A   A 1 32 ? 3.321   -17.005 -3.316  1.00 72.84  ? 32  A   A "C2'" 1 
ATOM   668 O "O2'" . A   A 1 32 ? 4.685   -17.350 -3.131  1.00 75.78  ? 32  A   A "O2'" 1 
ATOM   669 C "C1'" . A   A 1 32 ? 3.203   -15.490 -3.212  1.00 70.21  ? 32  A   A "C1'" 1 
ATOM   670 N N9    . A   A 1 32 ? 1.889   -15.030 -2.727  1.00 69.48  ? 32  A   A N9    1 
ATOM   671 C C8    . A   A 1 32 ? 0.812   -14.664 -3.496  1.00 66.44  ? 32  A   A C8    1 
ATOM   672 N N7    . A   A 1 32 ? -0.225  -14.254 -2.801  1.00 64.15  ? 32  A   A N7    1 
ATOM   673 C C5    . A   A 1 32 ? 0.202   -14.339 -1.482  1.00 67.44  ? 32  A   A C5    1 
ATOM   674 C C6    . A   A 1 32 ? -0.440  -14.043 -0.266  1.00 68.73  ? 32  A   A C6    1 
ATOM   675 N N6    . A   A 1 32 ? -1.702  -13.593 -0.168  1.00 59.05  ? 32  A   A N6    1 
ATOM   676 N N1    . A   A 1 32 ? 0.274   -14.239 0.868   1.00 81.58  ? 32  A   A N1    1 
ATOM   677 C C2    . A   A 1 32 ? 1.528   -14.701 0.773   1.00 83.48  ? 32  A   A C2    1 
ATOM   678 N N3    . A   A 1 32 ? 2.234   -15.019 -0.310  1.00 81.15  ? 32  A   A N3    1 
ATOM   679 C C4    . A   A 1 32 ? 1.505   -14.811 -1.422  1.00 75.09  ? 32  A   A C4    1 
ATOM   680 P P     . G   A 1 33 ? 2.489   -19.749 -5.066  1.00 75.65  ? 33  G   A P     1 
ATOM   681 O OP1   . G   A 1 33 ? 3.372   -20.859 -5.512  1.00 62.77  ? 33  G   A OP1   1 
ATOM   682 O OP2   . G   A 1 33 ? 1.160   -19.473 -5.688  1.00 63.80  ? 33  G   A OP2   1 
ATOM   683 O "O5'" . G   A 1 33 ? 2.352   -19.766 -3.476  1.00 72.47  ? 33  G   A "O5'" 1 
ATOM   684 C "C5'" . G   A 1 33 ? 1.551   -20.722 -2.805  1.00 70.09  ? 33  G   A "C5'" 1 
ATOM   685 C "C4'" . G   A 1 33 ? 0.912   -20.114 -1.588  1.00 64.90  ? 33  G   A "C4'" 1 
ATOM   686 O "O4'" . G   A 1 33 ? 0.734   -18.702 -1.817  1.00 66.34  ? 33  G   A "O4'" 1 
ATOM   687 C "C3'" . G   A 1 33 ? -0.481  -20.630 -1.274  1.00 66.42  ? 33  G   A "C3'" 1 
ATOM   688 O "O3'" . G   A 1 33 ? -0.450  -21.814 -0.495  1.00 75.97  ? 33  G   A "O3'" 1 
ATOM   689 C "C2'" . G   A 1 33 ? -1.173  -19.453 -0.596  1.00 61.04  ? 33  G   A "C2'" 1 
ATOM   690 O "O2'" . G   A 1 33 ? -0.899  -19.398 0.796   1.00 70.87  ? 33  G   A "O2'" 1 
ATOM   691 C "C1'" . G   A 1 33 ? -0.498  -18.273 -1.282  1.00 63.87  ? 33  G   A "C1'" 1 
ATOM   692 N N9    . G   A 1 33 ? -1.295  -17.802 -2.412  1.00 57.74  ? 33  G   A N9    1 
ATOM   693 C C8    . G   A 1 33 ? -0.887  -17.818 -3.723  1.00 61.58  ? 33  G   A C8    1 
ATOM   694 N N7    . G   A 1 33 ? -1.791  -17.337 -4.524  1.00 58.13  ? 33  G   A N7    1 
ATOM   695 C C5    . G   A 1 33 ? -2.838  -16.999 -3.676  1.00 49.96  ? 33  G   A C5    1 
ATOM   696 C C6    . G   A 1 33 ? -4.091  -16.438 -3.992  1.00 50.45  ? 33  G   A C6    1 
ATOM   697 O O6    . G   A 1 33 ? -4.496  -16.137 -5.121  1.00 57.13  ? 33  G   A O6    1 
ATOM   698 N N1    . G   A 1 33 ? -4.881  -16.238 -2.863  1.00 45.41  ? 33  G   A N1    1 
ATOM   699 C C2    . G   A 1 33 ? -4.499  -16.562 -1.582  1.00 50.16  ? 33  G   A C2    1 
ATOM   700 N N2    . G   A 1 33 ? -5.418  -16.290 -0.636  1.00 44.23  ? 33  G   A N2    1 
ATOM   701 N N3    . G   A 1 33 ? -3.320  -17.106 -1.269  1.00 48.90  ? 33  G   A N3    1 
ATOM   702 C C4    . G   A 1 33 ? -2.553  -17.281 -2.363  1.00 50.35  ? 33  G   A C4    1 
HETATM 703 N N1    . PRF B 2 .  ? 0.367   -3.973  -2.373  1.00 45.22  ? 34  PRF A N1    1 
HETATM 704 C C2    . PRF B 2 .  ? -0.575  -3.433  -3.268  1.00 47.08  ? 34  PRF A C2    1 
HETATM 705 N N3    . PRF B 2 .  ? -1.675  -2.720  -2.922  1.00 48.10  ? 34  PRF A N3    1 
HETATM 706 C C4    . PRF B 2 .  ? -1.789  -2.572  -1.543  1.00 44.50  ? 34  PRF A C4    1 
HETATM 707 C C5    . PRF B 2 .  ? -0.912  -3.086  -0.580  1.00 43.35  ? 34  PRF A C5    1 
HETATM 708 C C6    . PRF B 2 .  ? 0.224   -3.816  -0.961  1.00 47.23  ? 34  PRF A C6    1 
HETATM 709 O O6    . PRF B 2 .  ? 1.069   -4.299  -0.222  1.00 53.49  ? 34  PRF A O6    1 
HETATM 710 C C7    . PRF B 2 .  ? -1.375  -2.719  0.704   1.00 46.95  ? 34  PRF A C7    1 
HETATM 711 C C10   . PRF B 2 .  ? -0.670  -3.070  1.967   1.00 48.74  ? 34  PRF A C10   1 
HETATM 712 N N11   . PRF B 2 .  ? -1.496  -2.736  3.139   1.00 55.92  ? 34  PRF A N11   1 
HETATM 713 C C8    . PRF B 2 .  ? -2.537  -1.990  0.508   1.00 46.55  ? 34  PRF A C8    1 
HETATM 714 N N9    . PRF B 2 .  ? -2.801  -1.900  -0.882  1.00 43.73  ? 34  PRF A N9    1 
HETATM 715 N N2    . PRF B 2 .  ? -0.330  -3.628  -4.620  1.00 49.46  ? 34  PRF A N2    1 
HETATM 716 S S     . SO4 C 3 .  ? -0.783  -3.592  6.113   0.70 65.06  ? 101 SO4 A S     1 
HETATM 717 O O1    . SO4 C 3 .  ? -1.060  -3.809  7.534   0.70 62.02  ? 101 SO4 A O1    1 
HETATM 718 O O2    . SO4 C 3 .  ? -1.523  -4.561  5.305   0.70 61.19  ? 101 SO4 A O2    1 
HETATM 719 O O3    . SO4 C 3 .  ? -1.239  -2.250  5.756   0.70 67.81  ? 101 SO4 A O3    1 
HETATM 720 O O4    . SO4 C 3 .  ? 0.654   -3.716  5.859   0.70 55.78  ? 101 SO4 A O4    1 
HETATM 721 S S     . SO4 D 3 .  ? 6.130   -1.639  0.190   0.50 70.69  ? 102 SO4 A S     1 
HETATM 722 O O1    . SO4 D 3 .  ? 6.041   -0.278  -0.354  0.50 59.62  ? 102 SO4 A O1    1 
HETATM 723 O O2    . SO4 D 3 .  ? 6.639   -1.578  1.563   0.50 64.46  ? 102 SO4 A O2    1 
HETATM 724 O O3    . SO4 D 3 .  ? 4.801   -2.250  0.193   0.50 54.66  ? 102 SO4 A O3    1 
HETATM 725 O O4    . SO4 D 3 .  ? 7.031   -2.449  -0.639  0.50 66.39  ? 102 SO4 A O4    1 
HETATM 726 S S     . SO4 E 3 .  ? 6.974   4.134   -2.739  0.50 56.83  ? 103 SO4 A S     1 
HETATM 727 O O1    . SO4 E 3 .  ? 6.794   3.654   -1.365  0.50 44.38  ? 103 SO4 A O1    1 
HETATM 728 O O2    . SO4 E 3 .  ? 7.973   3.306   -3.422  0.50 51.34  ? 103 SO4 A O2    1 
HETATM 729 O O3    . SO4 E 3 .  ? 5.708   4.060   -3.469  0.50 48.15  ? 103 SO4 A O3    1 
HETATM 730 O O4    . SO4 E 3 .  ? 7.431   5.524   -2.718  0.50 48.98  ? 103 SO4 A O4    1 
HETATM 731 S S     . SO4 F 3 .  ? 3.960   -13.426 4.304   0.50 97.12  ? 104 SO4 A S     1 
HETATM 732 O O1    . SO4 F 3 .  ? 4.056   -14.356 5.423   0.50 100.25 ? 104 SO4 A O1    1 
HETATM 733 O O2    . SO4 F 3 .  ? 4.823   -13.912 3.228   0.50 94.10  ? 104 SO4 A O2    1 
HETATM 734 O O3    . SO4 F 3 .  ? 2.571   -13.354 3.842   0.50 87.85  ? 104 SO4 A O3    1 
HETATM 735 O O4    . SO4 F 3 .  ? 4.407   -12.109 4.755   0.50 93.88  ? 104 SO4 A O4    1 
HETATM 736 O O     . HOH G 4 .  ? 11.131  15.401  2.474   1.00 34.86  ? 200 HOH A O     1 
# 
loop_
_pdbx_poly_seq_scheme.asym_id 
_pdbx_poly_seq_scheme.entity_id 
_pdbx_poly_seq_scheme.seq_id 
_pdbx_poly_seq_scheme.mon_id 
_pdbx_poly_seq_scheme.ndb_seq_num 
_pdbx_poly_seq_scheme.pdb_seq_num 
_pdbx_poly_seq_scheme.auth_seq_num 
_pdbx_poly_seq_scheme.pdb_mon_id 
_pdbx_poly_seq_scheme.auth_mon_id 
_pdbx_poly_seq_scheme.pdb_strand_id 
_pdbx_poly_seq_scheme.pdb_ins_code 
_pdbx_poly_seq_scheme.hetero 
A 1 1  C 1  1  1  C C A . n 
A 1 2  U 2  2  2  U U A . n 
A 1 3  G 3  3  3  G G A . n 
A 1 4  G 4  4  4  G G A . n 
A 1 5  G 5  5  5  G G A . n 
A 1 6  U 6  6  6  U U A . n 
A 1 7  C 7  7  7  C C A . n 
A 1 8  G 8  8  8  G G A . n 
A 1 9  C 9  9  9  C C A . n 
A 1 10 A 10 10 10 A A A . n 
A 1 11 G 11 11 11 G G A . n 
A 1 12 U 12 12 12 U U A . n 
A 1 13 A 13 13 13 A A A . n 
A 1 14 A 14 14 14 A A A . n 
A 1 15 C 15 15 15 C C A . n 
A 1 16 C 16 16 16 C C A . n 
A 1 17 C 17 17 17 C C A . n 
A 1 18 C 18 18 18 C C A . n 
A 1 19 A 19 19 19 A A A . n 
A 1 20 G 20 20 20 G G A . n 
A 1 21 U 21 21 21 U U A . n 
A 1 22 U 22 22 22 U U A . n 
A 1 23 A 23 23 23 A A A . n 
A 1 24 A 24 24 24 A A A . n 
A 1 25 C 25 25 25 C C A . n 
A 1 26 A 26 26 26 A A A . n 
A 1 27 A 27 27 27 A A A . n 
A 1 28 A 28 28 28 A A A . n 
A 1 29 A 29 29 29 A A A . n 
A 1 30 C 30 30 30 C C A . n 
A 1 31 A 31 31 31 A A A . n 
A 1 32 A 32 32 32 A A A . n 
A 1 33 G 33 33 33 G G A . n 
# 
loop_
_pdbx_nonpoly_scheme.asym_id 
_pdbx_nonpoly_scheme.entity_id 
_pdbx_nonpoly_scheme.mon_id 
_pdbx_nonpoly_scheme.ndb_seq_num 
_pdbx_nonpoly_scheme.pdb_seq_num 
_pdbx_nonpoly_scheme.auth_seq_num 
_pdbx_nonpoly_scheme.pdb_mon_id 
_pdbx_nonpoly_scheme.auth_mon_id 
_pdbx_nonpoly_scheme.pdb_strand_id 
_pdbx_nonpoly_scheme.pdb_ins_code 
B 2 PRF 1 34  34  PRF PRF A . 
C 3 SO4 1 101 101 SO4 SO4 A . 
D 3 SO4 1 102 102 SO4 SO4 A . 
E 3 SO4 1 103 103 SO4 SO4 A . 
F 3 SO4 1 104 104 SO4 SO4 A . 
G 4 HOH 1 200 200 HOH HOH A . 
# 
_pdbx_struct_assembly.id                   1 
_pdbx_struct_assembly.details              author_and_software_defined_assembly 
_pdbx_struct_assembly.method_details       PISA 
_pdbx_struct_assembly.oligomeric_details   monomeric 
_pdbx_struct_assembly.oligomeric_count     1 
# 
_pdbx_struct_assembly_gen.assembly_id       1 
_pdbx_struct_assembly_gen.oper_expression   1 
_pdbx_struct_assembly_gen.asym_id_list      A,B,C,D,E,F,G 
# 
_pdbx_struct_oper_list.id                   1 
_pdbx_struct_oper_list.type                 'identity operation' 
_pdbx_struct_oper_list.name                 1_555 
_pdbx_struct_oper_list.symmetry_operation   x,y,z 
_pdbx_struct_oper_list.matrix[1][1]         1.0000000000 
_pdbx_struct_oper_list.matrix[1][2]         0.0000000000 
_pdbx_struct_oper_list.matrix[1][3]         0.0000000000 
_pdbx_struct_oper_list.vector[1]            0.0000000000 
_pdbx_struct_oper_list.matrix[2][1]         0.0000000000 
_pdbx_struct_oper_list.matrix[2][2]         1.0000000000 
_pdbx_struct_oper_list.matrix[2][3]         0.0000000000 
_pdbx_struct_oper_list.vector[2]            0.0000000000 
_pdbx_struct_oper_list.matrix[3][1]         0.0000000000 
_pdbx_struct_oper_list.matrix[3][2]         0.0000000000 
_pdbx_struct_oper_list.matrix[3][3]         1.0000000000 
_pdbx_struct_oper_list.vector[3]            0.0000000000 
# 
_pdbx_struct_special_symmetry.id              1 
_pdbx_struct_special_symmetry.PDB_model_num   1 
_pdbx_struct_special_symmetry.auth_asym_id    A 
_pdbx_struct_special_symmetry.auth_comp_id    SO4 
_pdbx_struct_special_symmetry.auth_seq_id     104 
_pdbx_struct_special_symmetry.PDB_ins_code    ? 
_pdbx_struct_special_symmetry.label_asym_id   F 
_pdbx_struct_special_symmetry.label_comp_id   SO4 
_pdbx_struct_special_symmetry.label_seq_id    . 
# 
loop_
_pdbx_audit_revision_history.ordinal 
_pdbx_audit_revision_history.data_content_type 
_pdbx_audit_revision_history.major_revision 
_pdbx_audit_revision_history.minor_revision 
_pdbx_audit_revision_history.revision_date 
1 'Structure model' 1 0 2011-05-18 
2 'Structure model' 1 1 2011-07-13 
3 'Structure model' 1 2 2013-06-12 
4 'Structure model' 1 3 2018-01-24 
5 'Structure model' 1 4 2023-09-13 
# 
_pdbx_audit_revision_details.ordinal             1 
_pdbx_audit_revision_details.revision_ordinal    1 
_pdbx_audit_revision_details.data_content_type   'Structure model' 
_pdbx_audit_revision_details.provider            repository 
_pdbx_audit_revision_details.type                'Initial release' 
_pdbx_audit_revision_details.description         ? 
_pdbx_audit_revision_details.details             ? 
# 
loop_
_pdbx_audit_revision_group.ordinal 
_pdbx_audit_revision_group.revision_ordinal 
_pdbx_audit_revision_group.data_content_type 
_pdbx_audit_revision_group.group 
1 2 'Structure model' 'Version format compliance' 
2 3 'Structure model' 'Database references'       
3 4 'Structure model' 'Structure summary'         
4 5 'Structure model' 'Data collection'           
5 5 'Structure model' 'Database references'       
6 5 'Structure model' 'Derived calculations'      
7 5 'Structure model' 'Refinement description'    
# 
loop_
_pdbx_audit_revision_category.ordinal 
_pdbx_audit_revision_category.revision_ordinal 
_pdbx_audit_revision_category.data_content_type 
_pdbx_audit_revision_category.category 
1 4 'Structure model' audit_author                  
2 5 'Structure model' chem_comp_atom                
3 5 'Structure model' chem_comp_bond                
4 5 'Structure model' database_2                    
5 5 'Structure model' pdbx_initial_refinement_model 
6 5 'Structure model' pdbx_struct_special_symmetry  
7 5 'Structure model' struct_site                   
# 
loop_
_pdbx_audit_revision_item.ordinal 
_pdbx_audit_revision_item.revision_ordinal 
_pdbx_audit_revision_item.data_content_type 
_pdbx_audit_revision_item.item 
1 4 'Structure model' '_audit_author.name'                  
2 5 'Structure model' '_database_2.pdbx_DOI'                
3 5 'Structure model' '_database_2.pdbx_database_accession' 
4 5 'Structure model' '_struct_site.pdbx_auth_asym_id'      
5 5 'Structure model' '_struct_site.pdbx_auth_comp_id'      
6 5 'Structure model' '_struct_site.pdbx_auth_seq_id'       
# 
loop_
_software.pdbx_ordinal 
_software.name 
_software.version 
_software.date 
_software.type 
_software.contact_author 
_software.contact_author_email 
_software.classification 
_software.location 
_software.language 
_software.citation_id 
1 SCALEPACK   .       ?               program 'Zbyszek Otwinowski' hkl@hkl-xray.com         'data scaling'    
http://www.hkl-xray.com/                  ?   ? 
2 PHENIX      1.6_289 ?               package 'Paul D. Adams'      PDAdams@lbl.gov          refinement        
http://www.phenix-online.org/             C++ ? 
3 PDB_EXTRACT 3.10    'June 10, 2010' package PDB                  deposit@deposit.rcsb.org 'data extraction' 
http://sw-tools.pdb.org/apps/PDB_EXTRACT/ C++ ? 
4 HKL-2000    .       ?               ?       ?                    ?                        'data collection' ? ?   ? 
5 HKL-2000    .       ?               ?       ?                    ?                        'data reduction'  ? ?   ? 
6 HKL-2000    .       ?               ?       ?                    ?                        'data scaling'    ? ?   ? 
7 PHENIX      1.6_289 ?               ?       ?                    ?                        phasing           ? ?   ? 
# 
loop_
_pdbx_validate_rmsd_angle.id 
_pdbx_validate_rmsd_angle.PDB_model_num 
_pdbx_validate_rmsd_angle.auth_atom_id_1 
_pdbx_validate_rmsd_angle.auth_asym_id_1 
_pdbx_validate_rmsd_angle.auth_comp_id_1 
_pdbx_validate_rmsd_angle.auth_seq_id_1 
_pdbx_validate_rmsd_angle.PDB_ins_code_1 
_pdbx_validate_rmsd_angle.label_alt_id_1 
_pdbx_validate_rmsd_angle.auth_atom_id_2 
_pdbx_validate_rmsd_angle.auth_asym_id_2 
_pdbx_validate_rmsd_angle.auth_comp_id_2 
_pdbx_validate_rmsd_angle.auth_seq_id_2 
_pdbx_validate_rmsd_angle.PDB_ins_code_2 
_pdbx_validate_rmsd_angle.label_alt_id_2 
_pdbx_validate_rmsd_angle.auth_atom_id_3 
_pdbx_validate_rmsd_angle.auth_asym_id_3 
_pdbx_validate_rmsd_angle.auth_comp_id_3 
_pdbx_validate_rmsd_angle.auth_seq_id_3 
_pdbx_validate_rmsd_angle.PDB_ins_code_3 
_pdbx_validate_rmsd_angle.label_alt_id_3 
_pdbx_validate_rmsd_angle.angle_value 
_pdbx_validate_rmsd_angle.angle_target_value 
_pdbx_validate_rmsd_angle.angle_deviation 
_pdbx_validate_rmsd_angle.angle_standard_deviation 
_pdbx_validate_rmsd_angle.linker_flag 
1 1 "C3'" A U 12 ? ? "O3'" A U 12 ? ? P  A A 13 ? ? 127.25 119.70 7.55  1.20 Y 
2 1 C8    A A 13 ? ? N9    A A 13 ? ? C4 A A 13 ? ? 103.27 105.80 -2.53 0.40 N 
3 1 "C3'" A C 15 ? ? "O3'" A C 15 ? ? P  A C 16 ? ? 112.38 119.70 -7.32 1.20 Y 
4 1 "C3'" A C 16 ? ? "O3'" A C 16 ? ? P  A C 17 ? ? 111.83 119.70 -7.87 1.20 Y 
# 
loop_
_chem_comp_atom.comp_id 
_chem_comp_atom.atom_id 
_chem_comp_atom.type_symbol 
_chem_comp_atom.pdbx_aromatic_flag 
_chem_comp_atom.pdbx_stereo_config 
_chem_comp_atom.pdbx_ordinal 
A   OP3    O N N 1   
A   P      P N N 2   
A   OP1    O N N 3   
A   OP2    O N N 4   
A   "O5'"  O N N 5   
A   "C5'"  C N N 6   
A   "C4'"  C N R 7   
A   "O4'"  O N N 8   
A   "C3'"  C N S 9   
A   "O3'"  O N N 10  
A   "C2'"  C N R 11  
A   "O2'"  O N N 12  
A   "C1'"  C N R 13  
A   N9     N Y N 14  
A   C8     C Y N 15  
A   N7     N Y N 16  
A   C5     C Y N 17  
A   C6     C Y N 18  
A   N6     N N N 19  
A   N1     N Y N 20  
A   C2     C Y N 21  
A   N3     N Y N 22  
A   C4     C Y N 23  
A   HOP3   H N N 24  
A   HOP2   H N N 25  
A   "H5'"  H N N 26  
A   "H5''" H N N 27  
A   "H4'"  H N N 28  
A   "H3'"  H N N 29  
A   "HO3'" H N N 30  
A   "H2'"  H N N 31  
A   "HO2'" H N N 32  
A   "H1'"  H N N 33  
A   H8     H N N 34  
A   H61    H N N 35  
A   H62    H N N 36  
A   H2     H N N 37  
C   OP3    O N N 38  
C   P      P N N 39  
C   OP1    O N N 40  
C   OP2    O N N 41  
C   "O5'"  O N N 42  
C   "C5'"  C N N 43  
C   "C4'"  C N R 44  
C   "O4'"  O N N 45  
C   "C3'"  C N S 46  
C   "O3'"  O N N 47  
C   "C2'"  C N R 48  
C   "O2'"  O N N 49  
C   "C1'"  C N R 50  
C   N1     N N N 51  
C   C2     C N N 52  
C   O2     O N N 53  
C   N3     N N N 54  
C   C4     C N N 55  
C   N4     N N N 56  
C   C5     C N N 57  
C   C6     C N N 58  
C   HOP3   H N N 59  
C   HOP2   H N N 60  
C   "H5'"  H N N 61  
C   "H5''" H N N 62  
C   "H4'"  H N N 63  
C   "H3'"  H N N 64  
C   "HO3'" H N N 65  
C   "H2'"  H N N 66  
C   "HO2'" H N N 67  
C   "H1'"  H N N 68  
C   H41    H N N 69  
C   H42    H N N 70  
C   H5     H N N 71  
C   H6     H N N 72  
G   OP3    O N N 73  
G   P      P N N 74  
G   OP1    O N N 75  
G   OP2    O N N 76  
G   "O5'"  O N N 77  
G   "C5'"  C N N 78  
G   "C4'"  C N R 79  
G   "O4'"  O N N 80  
G   "C3'"  C N S 81  
G   "O3'"  O N N 82  
G   "C2'"  C N R 83  
G   "O2'"  O N N 84  
G   "C1'"  C N R 85  
G   N9     N Y N 86  
G   C8     C Y N 87  
G   N7     N Y N 88  
G   C5     C Y N 89  
G   C6     C N N 90  
G   O6     O N N 91  
G   N1     N N N 92  
G   C2     C N N 93  
G   N2     N N N 94  
G   N3     N N N 95  
G   C4     C Y N 96  
G   HOP3   H N N 97  
G   HOP2   H N N 98  
G   "H5'"  H N N 99  
G   "H5''" H N N 100 
G   "H4'"  H N N 101 
G   "H3'"  H N N 102 
G   "HO3'" H N N 103 
G   "H2'"  H N N 104 
G   "HO2'" H N N 105 
G   "H1'"  H N N 106 
G   H8     H N N 107 
G   H1     H N N 108 
G   H21    H N N 109 
G   H22    H N N 110 
HOH O      O N N 111 
HOH H1     H N N 112 
HOH H2     H N N 113 
PRF N1     N N N 114 
PRF C2     C N N 115 
PRF N3     N N N 116 
PRF C4     C Y N 117 
PRF C5     C Y N 118 
PRF C6     C N N 119 
PRF O6     O N N 120 
PRF C7     C Y N 121 
PRF C10    C N N 122 
PRF N11    N N N 123 
PRF C8     C Y N 124 
PRF N9     N Y N 125 
PRF N2     N N N 126 
PRF H91    H N N 127 
PRF H101   H N N 128 
PRF H102   H N N 129 
PRF H111   H N N 130 
PRF H112   H N N 131 
PRF H81    H N N 132 
PRF HN91   H N N 133 
PRF HN21   H N N 134 
PRF HN22   H N N 135 
SO4 S      S N N 136 
SO4 O1     O N N 137 
SO4 O2     O N N 138 
SO4 O3     O N N 139 
SO4 O4     O N N 140 
U   OP3    O N N 141 
U   P      P N N 142 
U   OP1    O N N 143 
U   OP2    O N N 144 
U   "O5'"  O N N 145 
U   "C5'"  C N N 146 
U   "C4'"  C N R 147 
U   "O4'"  O N N 148 
U   "C3'"  C N S 149 
U   "O3'"  O N N 150 
U   "C2'"  C N R 151 
U   "O2'"  O N N 152 
U   "C1'"  C N R 153 
U   N1     N N N 154 
U   C2     C N N 155 
U   O2     O N N 156 
U   N3     N N N 157 
U   C4     C N N 158 
U   O4     O N N 159 
U   C5     C N N 160 
U   C6     C N N 161 
U   HOP3   H N N 162 
U   HOP2   H N N 163 
U   "H5'"  H N N 164 
U   "H5''" H N N 165 
U   "H4'"  H N N 166 
U   "H3'"  H N N 167 
U   "HO3'" H N N 168 
U   "H2'"  H N N 169 
U   "HO2'" H N N 170 
U   "H1'"  H N N 171 
U   H3     H N N 172 
U   H5     H N N 173 
U   H6     H N N 174 
# 
loop_
_chem_comp_bond.comp_id 
_chem_comp_bond.atom_id_1 
_chem_comp_bond.atom_id_2 
_chem_comp_bond.value_order 
_chem_comp_bond.pdbx_aromatic_flag 
_chem_comp_bond.pdbx_stereo_config 
_chem_comp_bond.pdbx_ordinal 
A   OP3   P      sing N N 1   
A   OP3   HOP3   sing N N 2   
A   P     OP1    doub N N 3   
A   P     OP2    sing N N 4   
A   P     "O5'"  sing N N 5   
A   OP2   HOP2   sing N N 6   
A   "O5'" "C5'"  sing N N 7   
A   "C5'" "C4'"  sing N N 8   
A   "C5'" "H5'"  sing N N 9   
A   "C5'" "H5''" sing N N 10  
A   "C4'" "O4'"  sing N N 11  
A   "C4'" "C3'"  sing N N 12  
A   "C4'" "H4'"  sing N N 13  
A   "O4'" "C1'"  sing N N 14  
A   "C3'" "O3'"  sing N N 15  
A   "C3'" "C2'"  sing N N 16  
A   "C3'" "H3'"  sing N N 17  
A   "O3'" "HO3'" sing N N 18  
A   "C2'" "O2'"  sing N N 19  
A   "C2'" "C1'"  sing N N 20  
A   "C2'" "H2'"  sing N N 21  
A   "O2'" "HO2'" sing N N 22  
A   "C1'" N9     sing N N 23  
A   "C1'" "H1'"  sing N N 24  
A   N9    C8     sing Y N 25  
A   N9    C4     sing Y N 26  
A   C8    N7     doub Y N 27  
A   C8    H8     sing N N 28  
A   N7    C5     sing Y N 29  
A   C5    C6     sing Y N 30  
A   C5    C4     doub Y N 31  
A   C6    N6     sing N N 32  
A   C6    N1     doub Y N 33  
A   N6    H61    sing N N 34  
A   N6    H62    sing N N 35  
A   N1    C2     sing Y N 36  
A   C2    N3     doub Y N 37  
A   C2    H2     sing N N 38  
A   N3    C4     sing Y N 39  
C   OP3   P      sing N N 40  
C   OP3   HOP3   sing N N 41  
C   P     OP1    doub N N 42  
C   P     OP2    sing N N 43  
C   P     "O5'"  sing N N 44  
C   OP2   HOP2   sing N N 45  
C   "O5'" "C5'"  sing N N 46  
C   "C5'" "C4'"  sing N N 47  
C   "C5'" "H5'"  sing N N 48  
C   "C5'" "H5''" sing N N 49  
C   "C4'" "O4'"  sing N N 50  
C   "C4'" "C3'"  sing N N 51  
C   "C4'" "H4'"  sing N N 52  
C   "O4'" "C1'"  sing N N 53  
C   "C3'" "O3'"  sing N N 54  
C   "C3'" "C2'"  sing N N 55  
C   "C3'" "H3'"  sing N N 56  
C   "O3'" "HO3'" sing N N 57  
C   "C2'" "O2'"  sing N N 58  
C   "C2'" "C1'"  sing N N 59  
C   "C2'" "H2'"  sing N N 60  
C   "O2'" "HO2'" sing N N 61  
C   "C1'" N1     sing N N 62  
C   "C1'" "H1'"  sing N N 63  
C   N1    C2     sing N N 64  
C   N1    C6     sing N N 65  
C   C2    O2     doub N N 66  
C   C2    N3     sing N N 67  
C   N3    C4     doub N N 68  
C   C4    N4     sing N N 69  
C   C4    C5     sing N N 70  
C   N4    H41    sing N N 71  
C   N4    H42    sing N N 72  
C   C5    C6     doub N N 73  
C   C5    H5     sing N N 74  
C   C6    H6     sing N N 75  
G   OP3   P      sing N N 76  
G   OP3   HOP3   sing N N 77  
G   P     OP1    doub N N 78  
G   P     OP2    sing N N 79  
G   P     "O5'"  sing N N 80  
G   OP2   HOP2   sing N N 81  
G   "O5'" "C5'"  sing N N 82  
G   "C5'" "C4'"  sing N N 83  
G   "C5'" "H5'"  sing N N 84  
G   "C5'" "H5''" sing N N 85  
G   "C4'" "O4'"  sing N N 86  
G   "C4'" "C3'"  sing N N 87  
G   "C4'" "H4'"  sing N N 88  
G   "O4'" "C1'"  sing N N 89  
G   "C3'" "O3'"  sing N N 90  
G   "C3'" "C2'"  sing N N 91  
G   "C3'" "H3'"  sing N N 92  
G   "O3'" "HO3'" sing N N 93  
G   "C2'" "O2'"  sing N N 94  
G   "C2'" "C1'"  sing N N 95  
G   "C2'" "H2'"  sing N N 96  
G   "O2'" "HO2'" sing N N 97  
G   "C1'" N9     sing N N 98  
G   "C1'" "H1'"  sing N N 99  
G   N9    C8     sing Y N 100 
G   N9    C4     sing Y N 101 
G   C8    N7     doub Y N 102 
G   C8    H8     sing N N 103 
G   N7    C5     sing Y N 104 
G   C5    C6     sing N N 105 
G   C5    C4     doub Y N 106 
G   C6    O6     doub N N 107 
G   C6    N1     sing N N 108 
G   N1    C2     sing N N 109 
G   N1    H1     sing N N 110 
G   C2    N2     sing N N 111 
G   C2    N3     doub N N 112 
G   N2    H21    sing N N 113 
G   N2    H22    sing N N 114 
G   N3    C4     sing N N 115 
HOH O     H1     sing N N 116 
HOH O     H2     sing N N 117 
PRF N1    C2     sing N N 118 
PRF N1    C6     sing N N 119 
PRF N1    H91    sing N N 120 
PRF C2    N3     doub N N 121 
PRF C2    N2     sing N N 122 
PRF N3    C4     sing N N 123 
PRF C4    C5     doub Y N 124 
PRF C4    N9     sing Y N 125 
PRF C5    C6     sing N N 126 
PRF C5    C7     sing Y N 127 
PRF C6    O6     doub N N 128 
PRF C7    C10    sing N N 129 
PRF C7    C8     doub Y N 130 
PRF C10   N11    sing N N 131 
PRF C10   H101   sing N N 132 
PRF C10   H102   sing N N 133 
PRF N11   H111   sing N N 134 
PRF N11   H112   sing N N 135 
PRF C8    N9     sing Y N 136 
PRF C8    H81    sing N N 137 
PRF N9    HN91   sing N N 138 
PRF N2    HN21   sing N N 139 
PRF N2    HN22   sing N N 140 
SO4 S     O1     doub N N 141 
SO4 S     O2     doub N N 142 
SO4 S     O3     sing N N 143 
SO4 S     O4     sing N N 144 
U   OP3   P      sing N N 145 
U   OP3   HOP3   sing N N 146 
U   P     OP1    doub N N 147 
U   P     OP2    sing N N 148 
U   P     "O5'"  sing N N 149 
U   OP2   HOP2   sing N N 150 
U   "O5'" "C5'"  sing N N 151 
U   "C5'" "C4'"  sing N N 152 
U   "C5'" "H5'"  sing N N 153 
U   "C5'" "H5''" sing N N 154 
U   "C4'" "O4'"  sing N N 155 
U   "C4'" "C3'"  sing N N 156 
U   "C4'" "H4'"  sing N N 157 
U   "O4'" "C1'"  sing N N 158 
U   "C3'" "O3'"  sing N N 159 
U   "C3'" "C2'"  sing N N 160 
U   "C3'" "H3'"  sing N N 161 
U   "O3'" "HO3'" sing N N 162 
U   "C2'" "O2'"  sing N N 163 
U   "C2'" "C1'"  sing N N 164 
U   "C2'" "H2'"  sing N N 165 
U   "O2'" "HO2'" sing N N 166 
U   "C1'" N1     sing N N 167 
U   "C1'" "H1'"  sing N N 168 
U   N1    C2     sing N N 169 
U   N1    C6     sing N N 170 
U   C2    O2     doub N N 171 
U   C2    N3     sing N N 172 
U   N3    C4     sing N N 173 
U   N3    H3     sing N N 174 
U   C4    O4     doub N N 175 
U   C4    C5     sing N N 176 
U   C5    C6     doub N N 177 
U   C5    H5     sing N N 178 
U   C6    H6     sing N N 179 
# 
loop_
_ndb_struct_conf_na.entry_id 
_ndb_struct_conf_na.feature 
3Q50 'double helix'    
3Q50 'quadruple helix' 
# 
loop_
_ndb_struct_na_base_pair.model_number 
_ndb_struct_na_base_pair.i_label_asym_id 
_ndb_struct_na_base_pair.i_label_comp_id 
_ndb_struct_na_base_pair.i_label_seq_id 
_ndb_struct_na_base_pair.i_symmetry 
_ndb_struct_na_base_pair.j_label_asym_id 
_ndb_struct_na_base_pair.j_label_comp_id 
_ndb_struct_na_base_pair.j_label_seq_id 
_ndb_struct_na_base_pair.j_symmetry 
_ndb_struct_na_base_pair.shear 
_ndb_struct_na_base_pair.stretch 
_ndb_struct_na_base_pair.stagger 
_ndb_struct_na_base_pair.buckle 
_ndb_struct_na_base_pair.propeller 
_ndb_struct_na_base_pair.opening 
_ndb_struct_na_base_pair.pair_number 
_ndb_struct_na_base_pair.pair_name 
_ndb_struct_na_base_pair.i_auth_asym_id 
_ndb_struct_na_base_pair.i_auth_seq_id 
_ndb_struct_na_base_pair.i_PDB_ins_code 
_ndb_struct_na_base_pair.j_auth_asym_id 
_ndb_struct_na_base_pair.j_auth_seq_id 
_ndb_struct_na_base_pair.j_PDB_ins_code 
_ndb_struct_na_base_pair.hbond_type_28 
_ndb_struct_na_base_pair.hbond_type_12 
1 A C 1  1_555 A G 20 1_555 0.205  -0.094 -0.026 -0.323  -2.065  -0.020  1  A_C1:G20_A  A 1  ? A 20 ? 19 1  
1 A U 2  1_555 A A 19 1_555 -0.164 -0.032 0.215  -0.216  -15.901 1.139   2  A_U2:A19_A  A 2  ? A 19 ? 20 1  
1 A G 3  1_555 A C 18 1_555 0.187  -0.199 0.266  -9.625  -11.553 -4.123  3  A_G3:C18_A  A 3  ? A 18 ? 19 1  
1 A G 4  1_555 A C 17 1_555 -0.095 -0.241 0.271  -6.732  -8.125  0.217   4  A_G4:C17_A  A 4  ? A 17 ? 19 1  
1 A G 5  1_555 A C 16 1_555 0.020  -0.213 -0.111 -6.925  -10.774 -1.891  5  A_G5:C16_A  A 5  ? A 16 ? 19 1  
1 A U 6  1_555 A A 28 1_555 -0.146 3.487  1.253  -28.198 -17.454 -64.535 6  A_U6:A28_A  A 6  ? A 28 ? 23 3  
1 A C 7  1_555 A A 29 1_555 4.797  0.191  2.053  -22.665 14.025  -41.227 7  A_C7:A29_A  A 7  ? A 29 ? ?  ?  
1 A G 11 1_555 A C 30 1_555 -0.154 -0.202 0.483  -2.273  -18.057 0.154   8  A_G11:C30_A A 11 ? A 30 ? 19 1  
1 A G 8  1_555 A A 31 1_555 3.805  -3.970 -0.800 18.825  12.050  -66.432 9  A_G8:A31_A  A 8  ? A 31 ? 10 6  
1 A A 10 1_555 A A 32 1_555 6.328  -3.779 -0.730 -6.675  -19.993 -17.153 10 A_A10:A32_A A 10 ? A 32 ? ?  10 
1 A G 33 1_555 A C 9  1_555 0.854  -0.212 0.171  -3.654  -6.100  -5.193  11 A_G33:C9_A  A 33 ? A 9  ? 19 1  
# 
loop_
_ndb_struct_na_base_pair_step.model_number 
_ndb_struct_na_base_pair_step.i_label_asym_id_1 
_ndb_struct_na_base_pair_step.i_label_comp_id_1 
_ndb_struct_na_base_pair_step.i_label_seq_id_1 
_ndb_struct_na_base_pair_step.i_symmetry_1 
_ndb_struct_na_base_pair_step.j_label_asym_id_1 
_ndb_struct_na_base_pair_step.j_label_comp_id_1 
_ndb_struct_na_base_pair_step.j_label_seq_id_1 
_ndb_struct_na_base_pair_step.j_symmetry_1 
_ndb_struct_na_base_pair_step.i_label_asym_id_2 
_ndb_struct_na_base_pair_step.i_label_comp_id_2 
_ndb_struct_na_base_pair_step.i_label_seq_id_2 
_ndb_struct_na_base_pair_step.i_symmetry_2 
_ndb_struct_na_base_pair_step.j_label_asym_id_2 
_ndb_struct_na_base_pair_step.j_label_comp_id_2 
_ndb_struct_na_base_pair_step.j_label_seq_id_2 
_ndb_struct_na_base_pair_step.j_symmetry_2 
_ndb_struct_na_base_pair_step.shift 
_ndb_struct_na_base_pair_step.slide 
_ndb_struct_na_base_pair_step.rise 
_ndb_struct_na_base_pair_step.tilt 
_ndb_struct_na_base_pair_step.roll 
_ndb_struct_na_base_pair_step.twist 
_ndb_struct_na_base_pair_step.x_displacement 
_ndb_struct_na_base_pair_step.y_displacement 
_ndb_struct_na_base_pair_step.helical_rise 
_ndb_struct_na_base_pair_step.inclination 
_ndb_struct_na_base_pair_step.tip 
_ndb_struct_na_base_pair_step.helical_twist 
_ndb_struct_na_base_pair_step.step_number 
_ndb_struct_na_base_pair_step.step_name 
_ndb_struct_na_base_pair_step.i_auth_asym_id_1 
_ndb_struct_na_base_pair_step.i_auth_seq_id_1 
_ndb_struct_na_base_pair_step.i_PDB_ins_code_1 
_ndb_struct_na_base_pair_step.j_auth_asym_id_1 
_ndb_struct_na_base_pair_step.j_auth_seq_id_1 
_ndb_struct_na_base_pair_step.j_PDB_ins_code_1 
_ndb_struct_na_base_pair_step.i_auth_asym_id_2 
_ndb_struct_na_base_pair_step.i_auth_seq_id_2 
_ndb_struct_na_base_pair_step.i_PDB_ins_code_2 
_ndb_struct_na_base_pair_step.j_auth_asym_id_2 
_ndb_struct_na_base_pair_step.j_auth_seq_id_2 
_ndb_struct_na_base_pair_step.j_PDB_ins_code_2 
1 A C 1  1_555 A G 20 1_555 A U 2  1_555 A A 19 1_555 0.602  -1.776 3.021  0.650    8.868   29.732   -4.774 -1.020 2.415  16.815  
-1.232  31.005   1  AA_C1U2:A19G20_AA  A 1  ? A 20 ? A 2  ? A 19 ? 
1 A U 2  1_555 A A 19 1_555 A G 3  1_555 A C 18 1_555 -0.637 -1.784 3.195  -0.347   11.672  36.912   -3.985 0.924  2.542  17.893  
0.532   38.654   2  AA_U2G3:C18A19_AA  A 2  ? A 19 ? A 3  ? A 18 ? 
1 A G 3  1_555 A C 18 1_555 A G 4  1_555 A C 17 1_555 0.781  -1.872 3.047  2.286    5.296   25.176   -5.496 -1.185 2.663  11.951  
-5.157  25.818   3  AA_G3G4:C17C18_AA  A 3  ? A 18 ? A 4  ? A 17 ? 
1 A G 4  1_555 A C 17 1_555 A G 5  1_555 A C 16 1_555 0.022  -1.694 3.235  4.972    4.495   37.735   -3.122 0.565  3.000  6.884   
-7.614  38.304   4  AA_G4G5:C16C17_AA  A 4  ? A 17 ? A 5  ? A 16 ? 
1 A G 5  1_555 A C 16 1_555 A U 6  1_555 A A 28 1_555 -6.540 -1.060 1.371  11.847   3.923   20.606   -2.374 15.182 -2.180 9.882   
-29.846 24.055   5  AA_G5U6:A28C16_AA  A 5  ? A 16 ? A 6  ? A 28 ? 
1 A U 6  1_555 A A 28 1_555 A C 7  1_555 A A 29 1_555 3.002  -1.344 3.649  3.669    1.172   51.963   -1.620 -3.139 3.809  1.335   
-4.181  52.096   6  AA_U6C7:A29A28_AA  A 6  ? A 28 ? A 7  ? A 29 ? 
1 A C 7  1_555 A A 29 1_555 A G 11 1_555 A C 30 1_555 -0.962 1.746  0.696  148.564  93.877  -161.715 -0.902 -0.435 0.668  -46.953 
74.305  -179.323 7  AA_C7G11:C30A29_AA A 7  ? A 29 ? A 11 ? A 30 ? 
1 A G 11 1_555 A C 30 1_555 A G 8  1_555 A A 31 1_555 -2.851 2.825  3.034  -170.742 -10.978 -116.071 -1.375 -2.026 1.170  5.532   
-86.043 -175.289 8  AA_G11G8:A31C30_AA A 11 ? A 30 ? A 8  ? A 31 ? 
1 A G 8  1_555 A A 31 1_555 A A 10 1_555 A A 32 1_555 -5.186 1.603  -2.536 161.345  55.500  -6.877   -1.063 -1.849 4.222  -29.183 
84.839  -170.641 9  AA_G8A10:A32A31_AA A 8  ? A 31 ? A 10 ? A 32 ? 
1 A A 10 1_555 A A 32 1_555 A G 33 1_555 A C 9  1_555 -0.630 -4.224 0.026  147.552  -92.058 72.432   -1.924 0.619  1.387  -46.687 
-74.831 175.091  10 AA_A10G33:C9A32_AA A 10 ? A 32 ? A 33 ? A 9  ? 
# 
loop_
_pdbx_entity_nonpoly.entity_id 
_pdbx_entity_nonpoly.name 
_pdbx_entity_nonpoly.comp_id 
2 7-DEAZA-7-AMINOMETHYL-GUANINE PRF 
3 'SULFATE ION'                 SO4 
4 water                         HOH 
# 
_pdbx_initial_refinement_model.id               1 
_pdbx_initial_refinement_model.entity_id_list   ? 
_pdbx_initial_refinement_model.type             'experimental model' 
_pdbx_initial_refinement_model.source_name      PDB 
_pdbx_initial_refinement_model.accession_code   3GCA 
_pdbx_initial_refinement_model.details          ? 
# 
